data_6VY6
#
_entry.id   6VY6
#
_cell.length_a   70.807
_cell.length_b   79.767
_cell.length_c   177.130
_cell.angle_alpha   90.000
_cell.angle_beta   90.000
_cell.angle_gamma   90.000
#
_symmetry.space_group_name_H-M   'P 2 21 21'
#
loop_
_entity.id
_entity.type
_entity.pdbx_description
1 polymer 'receptor binding protein'
2 polymer 'Anti-Hendra receptor binding protein antibody HENV-26 Fab heavy chain'
3 polymer 'Anti-Hendra receptor binding protein antibody HENV-26 Fab light chain'
4 non-polymer 'SULFATE ION'
5 non-polymer (4S)-2-METHYL-2,4-PENTANEDIOL
6 non-polymer 2-acetamido-2-deoxy-beta-D-glucopyranose
7 non-polymer 'CHLORIDE ION'
8 non-polymer 'ZINC ION'
9 water water
#
loop_
_entity_poly.entity_id
_entity_poly.type
_entity_poly.pdbx_seq_one_letter_code
_entity_poly.pdbx_strand_id
1 'polypeptide(L)'
;PNQICLQKTTSTILKPRLISYTLPINTREGVCITDPLLAVDNGFFAYSHLEKIGSCTRGIAKQRIIGVGEVLDRGDKVPS
MFMTNVWTPPNPSTIHHCSSTYHEDFYYTLCAVSHVGDPILNSTSWTESLSLIRLAVRPKSDSGDYNQKYIAITKVERGK
YDKVMPYGPSGIKQGDTLYFPAVGFLPRTEFQYNDSNCPIIHCKYSKAENCRLSMGVNSKSHYILRSGLLKYNLSLGGDI
ILQFIEIADNRLTIGSPSKIYNSLGQPVFYQASYSWDTMIKLGDVDTVDPLRVQWRNNSVISRPGQSQCPRFNVCPEVCW
EGTYNDAFLIDRLNWVSAGVYLNSNQTAENPVFAVFKDNEILYQVPLAEDDTNAQKTITDCFLLENVIWCISLVEIYDTG
DSVIRPKLFAVKIPAQCSESENLYFQGHHHHHH
;
A
2 'polypeptide(L)'
;EVQLLESGGGLIQPGGSLRLSCAASGFTFSRFTMSWVRQPPGKGPEWVSGISGSGGHTYYADSVKGRFTISRDNSKNTLY
LQMNSLKAEDTAVYYCAKDGFVGQQLMRRGPWWFDPWGQGTLVTVSSASTKGPSVFPLAPSSKSTSGGTAALGCLVKDYF
PEPVTVSWNSGALTSGVHTFPAVLQSSGLYSLSSVVTVPSSSLGTQTYICNVNHKPSNTKVDKKVEPKSC
;
H
3 'polypeptide(L)'
;SYVLTQPPSVSVAPGQTARISCGGNNIGNKGVHWYQQKPGQAPVVVVYDDSDRPSGIPERFSGSNSGNTATLTISRVEAG
DEADYYCQVWDSSSDHVVFGGGTKLTVLGQPKANPTVTLFPPSSEELQANKATLVCLISDFYPGAVTVAWKADGSPVKAG
VETTKPSKQSNNKYAASSYLSLTPEQWKSHRSYSCQVTHEGSTVEKTVAPTECS
;
L
#
# COMPACT_ATOMS: atom_id res chain seq x y z
N ASN A 2 22.37 39.71 1.09
CA ASN A 2 21.54 38.80 0.31
C ASN A 2 22.35 38.18 -0.84
N GLN A 3 23.35 37.39 -0.48
CA GLN A 3 24.09 36.58 -1.44
C GLN A 3 23.83 35.11 -1.13
N ILE A 4 23.39 34.36 -2.13
CA ILE A 4 23.21 32.92 -2.02
C ILE A 4 23.81 32.29 -3.27
N CYS A 5 24.17 31.01 -3.17
CA CYS A 5 24.63 30.29 -4.34
C CYS A 5 23.49 30.16 -5.34
N LEU A 6 23.78 30.47 -6.60
CA LEU A 6 22.80 30.42 -7.66
C LEU A 6 23.09 29.34 -8.69
N GLN A 7 24.05 28.45 -8.41
CA GLN A 7 24.43 27.39 -9.33
C GLN A 7 23.97 26.04 -8.80
N LYS A 8 23.44 25.21 -9.69
CA LYS A 8 23.01 23.88 -9.31
C LYS A 8 24.21 23.01 -8.97
N THR A 9 24.05 22.16 -7.95
CA THR A 9 25.10 21.23 -7.58
C THR A 9 24.50 20.05 -6.84
N THR A 10 24.97 18.85 -7.18
CA THR A 10 24.61 17.64 -6.45
C THR A 10 25.47 17.43 -5.22
N SER A 11 26.50 18.24 -5.03
CA SER A 11 27.19 18.30 -3.75
C SER A 11 26.20 18.66 -2.66
N THR A 12 26.49 18.20 -1.44
CA THR A 12 25.64 18.50 -0.29
C THR A 12 26.31 19.65 0.48
N ILE A 13 25.90 20.87 0.13
CA ILE A 13 26.40 22.08 0.76
C ILE A 13 25.48 22.58 1.86
N LEU A 14 24.41 21.85 2.15
CA LEU A 14 23.46 22.21 3.19
C LEU A 14 23.69 21.28 4.39
N LYS A 15 23.81 21.87 5.57
CA LYS A 15 24.02 21.12 6.81
C LYS A 15 22.87 21.45 7.76
N PRO A 16 21.81 20.65 7.78
CA PRO A 16 20.69 20.93 8.68
C PRO A 16 21.05 20.64 10.13
N ARG A 17 20.59 21.51 11.02
CA ARG A 17 20.82 21.38 12.45
C ARG A 17 19.49 21.13 13.16
N LEU A 18 19.46 20.14 14.04
CA LEU A 18 18.30 19.89 14.89
C LEU A 18 18.28 20.92 16.02
N ILE A 19 17.16 21.63 16.15
CA ILE A 19 17.05 22.73 17.11
C ILE A 19 15.83 22.56 17.99
N SER A 20 15.26 21.36 18.02
CA SER A 20 14.08 21.15 18.84
C SER A 20 14.39 21.13 20.33
N TYR A 21 15.67 21.14 20.71
CA TYR A 21 16.05 20.99 22.12
C TYR A 21 15.47 22.10 22.98
N THR A 22 15.27 23.30 22.44
CA THR A 22 14.82 24.44 23.23
C THR A 22 13.31 24.58 23.29
N LEU A 23 12.56 23.65 22.72
CA LEU A 23 11.11 23.72 22.77
C LEU A 23 10.53 22.65 23.69
N PRO A 24 9.33 22.87 24.25
CA PRO A 24 8.72 21.87 25.15
C PRO A 24 7.96 20.80 24.38
N ILE A 25 8.71 19.93 23.71
CA ILE A 25 8.12 18.79 23.02
C ILE A 25 8.58 17.52 23.71
N ASN A 26 7.99 17.21 24.86
CA ASN A 26 8.42 16.05 25.64
C ASN A 26 7.94 14.77 24.96
N THR A 27 8.66 13.68 25.23
CA THR A 27 8.40 12.39 24.59
C THR A 27 7.93 11.37 25.62
N ARG A 28 6.82 10.69 25.33
CA ARG A 28 6.28 9.68 26.24
C ARG A 28 5.63 8.53 25.47
N GLU A 29 5.09 7.58 26.24
CA GLU A 29 4.74 6.27 25.68
C GLU A 29 3.74 6.37 24.54
N GLY A 30 2.58 6.95 24.81
CA GLY A 30 1.54 6.92 23.80
C GLY A 30 0.97 8.30 23.56
N VAL A 31 1.87 9.26 23.64
CA VAL A 31 1.54 10.65 23.40
C VAL A 31 1.91 10.99 21.97
N CYS A 32 0.95 11.56 21.26
CA CYS A 32 1.16 12.08 19.92
C CYS A 32 0.98 13.58 19.91
N ILE A 33 1.86 14.28 19.20
CA ILE A 33 1.81 15.72 19.06
C ILE A 33 1.49 16.05 17.61
N THR A 34 0.39 16.75 17.38
CA THR A 34 -0.16 16.94 16.05
C THR A 34 -0.60 18.38 15.84
N ASP A 35 -1.14 18.63 14.66
CA ASP A 35 -1.68 19.93 14.27
C ASP A 35 -0.70 21.08 14.57
N PRO A 36 0.49 21.07 13.99
CA PRO A 36 1.50 22.07 14.36
C PRO A 36 1.36 23.36 13.57
N LEU A 37 1.98 24.40 14.13
CA LEU A 37 2.01 25.73 13.54
C LEU A 37 3.39 26.32 13.78
N LEU A 38 3.92 27.03 12.78
CA LEU A 38 5.17 27.74 12.94
C LEU A 38 5.13 29.05 12.19
N ALA A 39 5.62 30.10 12.83
CA ALA A 39 5.79 31.41 12.21
C ALA A 39 7.05 32.04 12.77
N VAL A 40 7.78 32.76 11.91
CA VAL A 40 8.98 33.47 12.32
C VAL A 40 8.94 34.86 11.69
N ASP A 41 8.98 35.89 12.54
CA ASP A 41 8.94 37.27 12.09
C ASP A 41 9.77 38.14 13.02
N ASN A 42 10.65 38.95 12.43
CA ASN A 42 11.32 40.05 13.12
C ASN A 42 12.07 39.59 14.36
N GLY A 43 12.68 38.41 14.28
CA GLY A 43 13.41 37.88 15.41
C GLY A 43 12.55 37.22 16.46
N PHE A 44 11.26 37.04 16.20
CA PHE A 44 10.34 36.37 17.11
C PHE A 44 9.70 35.19 16.39
N PHE A 45 8.97 34.37 17.14
CA PHE A 45 8.34 33.21 16.56
C PHE A 45 7.03 32.92 17.26
N ALA A 46 6.22 32.08 16.61
CA ALA A 46 5.00 31.55 17.17
C ALA A 46 4.96 30.05 16.90
N TYR A 47 4.46 29.29 17.86
CA TYR A 47 4.43 27.84 17.74
C TYR A 47 3.19 27.30 18.44
N SER A 48 2.64 26.22 17.88
CA SER A 48 1.51 25.55 18.50
C SER A 48 1.48 24.10 18.07
N HIS A 49 0.90 23.26 18.93
CA HIS A 49 0.69 21.85 18.61
C HIS A 49 -0.44 21.33 19.51
N LEU A 50 -0.91 20.13 19.19
CA LEU A 50 -1.94 19.48 19.98
C LEU A 50 -1.40 18.17 20.53
N GLU A 51 -1.35 18.07 21.86
CA GLU A 51 -0.93 16.84 22.53
C GLU A 51 -2.12 15.90 22.64
N LYS A 52 -1.99 14.71 22.05
CA LYS A 52 -3.03 13.69 22.09
C LYS A 52 -2.52 12.46 22.82
N ILE A 53 -3.43 11.73 23.44
CA ILE A 53 -3.13 10.44 24.06
C ILE A 53 -3.66 9.35 23.15
N GLY A 54 -2.78 8.44 22.75
CA GLY A 54 -3.16 7.35 21.87
C GLY A 54 -2.96 7.66 20.40
N SER A 55 -3.94 7.26 19.58
CA SER A 55 -3.84 7.42 18.14
C SER A 55 -3.59 8.88 17.77
N CYS A 56 -2.72 9.08 16.77
CA CYS A 56 -2.41 10.42 16.31
C CYS A 56 -3.61 11.07 15.64
N THR A 57 -4.46 10.27 15.00
CA THR A 57 -5.64 10.75 14.28
C THR A 57 -6.92 10.59 15.08
N ARG A 58 -7.08 9.48 15.80
CA ARG A 58 -8.32 9.18 16.50
C ARG A 58 -8.17 9.24 18.02
N GLY A 59 -7.11 9.88 18.53
CA GLY A 59 -6.82 9.86 19.94
C GLY A 59 -7.51 10.98 20.72
N ILE A 60 -7.38 10.89 22.05
CA ILE A 60 -8.00 11.86 22.94
C ILE A 60 -7.10 13.08 23.06
N ALA A 61 -7.70 14.26 23.15
CA ALA A 61 -6.94 15.50 23.25
C ALA A 61 -6.50 15.73 24.69
N LYS A 62 -5.21 15.96 24.90
CA LYS A 62 -4.67 16.19 26.23
C LYS A 62 -4.34 17.66 26.48
N GLN A 63 -3.59 18.30 25.59
CA GLN A 63 -3.20 19.68 25.81
C GLN A 63 -2.90 20.36 24.49
N ARG A 64 -3.42 21.57 24.32
CA ARG A 64 -3.08 22.44 23.21
C ARG A 64 -2.28 23.61 23.77
N ILE A 65 -1.19 23.97 23.12
CA ILE A 65 -0.35 25.08 23.54
C ILE A 65 -0.17 26.04 22.37
N ILE A 66 -0.25 27.34 22.66
CA ILE A 66 0.10 28.39 21.73
C ILE A 66 1.15 29.26 22.40
N GLY A 67 2.34 29.29 21.83
CA GLY A 67 3.46 29.94 22.47
C GLY A 67 4.23 30.82 21.50
N VAL A 68 4.87 31.85 22.05
CA VAL A 68 5.67 32.79 21.29
C VAL A 68 7.00 32.97 22.00
N GLY A 69 7.95 33.60 21.31
CA GLY A 69 9.25 33.83 21.88
C GLY A 69 10.20 34.42 20.86
N GLU A 70 11.47 34.41 21.22
CA GLU A 70 12.53 35.03 20.43
C GLU A 70 13.38 33.96 19.75
N VAL A 71 13.78 34.24 18.51
CA VAL A 71 14.73 33.42 17.77
C VAL A 71 16.10 34.05 17.95
N LEU A 72 17.03 33.30 18.54
CA LEU A 72 18.33 33.84 18.89
C LEU A 72 19.43 32.85 18.57
N ASP A 73 20.63 33.38 18.33
CA ASP A 73 21.84 32.57 18.25
C ASP A 73 22.01 31.86 19.58
N ARG A 74 21.88 30.53 19.57
CA ARG A 74 21.92 29.74 20.79
C ARG A 74 23.34 29.59 21.36
N GLY A 75 24.37 29.97 20.62
CA GLY A 75 25.72 29.88 21.17
C GLY A 75 26.75 29.30 20.23
N ASP A 76 26.30 28.64 19.17
CA ASP A 76 27.19 28.09 18.14
C ASP A 76 26.84 28.64 16.76
N LYS A 77 26.33 29.87 16.72
CA LYS A 77 25.95 30.56 15.49
C LYS A 77 24.81 29.85 14.75
N VAL A 78 24.01 29.08 15.46
CA VAL A 78 22.81 28.43 14.91
C VAL A 78 21.60 29.06 15.59
N PRO A 79 20.56 29.44 14.84
CA PRO A 79 19.37 30.00 15.48
C PRO A 79 18.56 28.90 16.16
N SER A 80 17.85 29.29 17.22
CA SER A 80 16.95 28.39 17.91
C SER A 80 15.82 29.20 18.50
N MET A 81 14.74 28.50 18.87
CA MET A 81 13.51 29.14 19.31
C MET A 81 13.41 29.05 20.83
N PHE A 82 13.35 30.22 21.47
CA PHE A 82 13.30 30.32 22.92
C PHE A 82 11.94 30.90 23.33
N MET A 83 11.08 30.05 23.85
CA MET A 83 9.72 30.47 24.20
C MET A 83 9.73 31.41 25.40
N THR A 84 8.86 32.41 25.36
CA THR A 84 8.73 33.38 26.43
C THR A 84 7.32 33.48 27.00
N ASN A 85 6.32 32.94 26.31
CA ASN A 85 4.92 33.19 26.67
C ASN A 85 4.08 32.07 26.06
N VAL A 86 3.49 31.23 26.90
CA VAL A 86 2.70 30.09 26.46
C VAL A 86 1.29 30.20 27.02
N TRP A 87 0.30 29.99 26.16
CA TRP A 87 -1.10 29.96 26.55
C TRP A 87 -1.67 28.56 26.36
N THR A 88 -2.59 28.19 27.24
CA THR A 88 -3.20 26.86 27.23
C THR A 88 -4.70 27.03 27.31
N PRO A 89 -5.47 26.55 26.33
CA PRO A 89 -6.93 26.64 26.41
C PRO A 89 -7.50 25.58 27.32
N PRO A 90 -8.62 25.87 27.99
CA PRO A 90 -9.20 24.88 28.91
C PRO A 90 -9.71 23.62 28.21
N ASN A 91 -10.42 23.77 27.10
CA ASN A 91 -10.90 22.62 26.35
C ASN A 91 -10.03 22.42 25.12
N PRO A 92 -9.05 21.52 25.15
CA PRO A 92 -8.12 21.38 24.02
C PRO A 92 -8.71 20.67 22.81
N SER A 93 -9.84 20.00 22.95
CA SER A 93 -10.47 19.35 21.81
C SER A 93 -11.33 20.28 20.98
N THR A 94 -11.54 21.52 21.44
CA THR A 94 -12.44 22.45 20.78
C THR A 94 -11.72 23.49 19.91
N ILE A 95 -10.40 23.56 19.99
CA ILE A 95 -9.63 24.57 19.27
C ILE A 95 -9.10 23.95 17.98
N HIS A 96 -9.35 24.61 16.85
CA HIS A 96 -8.99 24.08 15.54
C HIS A 96 -8.43 25.19 14.67
N HIS A 97 -7.52 24.80 13.77
CA HIS A 97 -7.07 25.62 12.65
C HIS A 97 -6.60 27.00 13.09
N CYS A 98 -5.64 26.99 14.02
CA CYS A 98 -5.03 28.22 14.51
C CYS A 98 -4.07 28.80 13.48
N SER A 99 -4.02 30.13 13.44
CA SER A 99 -3.17 30.84 12.50
C SER A 99 -2.57 32.06 13.19
N SER A 100 -1.25 32.21 13.11
CA SER A 100 -0.54 33.26 13.83
C SER A 100 -0.03 34.34 12.87
N THR A 101 -0.17 35.59 13.28
CA THR A 101 0.37 36.73 12.55
C THR A 101 1.08 37.65 13.53
N TYR A 102 2.28 38.08 13.16
CA TYR A 102 3.04 39.00 14.00
C TYR A 102 2.70 40.45 13.64
N HIS A 103 2.59 41.29 14.67
CA HIS A 103 2.42 42.71 14.45
C HIS A 103 2.79 43.47 15.72
N GLU A 104 3.67 44.46 15.56
CA GLU A 104 4.06 45.43 16.58
C GLU A 104 4.00 44.86 18.00
N ASP A 105 4.97 44.01 18.34
CA ASP A 105 5.28 43.49 19.67
C ASP A 105 4.38 42.33 20.11
N PHE A 106 3.44 41.87 19.30
CA PHE A 106 2.58 40.76 19.68
C PHE A 106 2.44 39.78 18.53
N TYR A 107 2.04 38.56 18.87
CA TYR A 107 1.60 37.57 17.90
C TYR A 107 0.10 37.36 18.08
N TYR A 108 -0.63 37.46 16.98
CA TYR A 108 -2.09 37.34 16.97
C TYR A 108 -2.43 36.00 16.34
N THR A 109 -3.01 35.10 17.14
CA THR A 109 -3.37 33.77 16.68
C THR A 109 -4.88 33.67 16.57
N LEU A 110 -5.36 33.45 15.36
CA LEU A 110 -6.79 33.33 15.07
C LEU A 110 -7.14 31.85 14.94
N CYS A 111 -8.08 31.40 15.77
CA CYS A 111 -8.44 30.00 15.90
C CYS A 111 -9.92 29.81 15.68
N ALA A 112 -10.29 28.59 15.28
CA ALA A 112 -11.68 28.21 15.14
C ALA A 112 -12.10 27.37 16.35
N VAL A 113 -13.32 27.61 16.82
CA VAL A 113 -13.90 26.87 17.94
C VAL A 113 -14.96 25.93 17.40
N SER A 114 -14.87 24.66 17.79
CA SER A 114 -15.77 23.64 17.28
C SER A 114 -15.99 22.58 18.35
N HIS A 115 -17.23 22.13 18.51
CA HIS A 115 -17.52 20.96 19.31
C HIS A 115 -18.01 19.79 18.47
N VAL A 116 -17.79 19.84 17.16
CA VAL A 116 -18.15 18.77 16.24
C VAL A 116 -16.93 18.19 15.53
N GLY A 117 -15.73 18.51 16.01
CA GLY A 117 -14.50 18.05 15.37
C GLY A 117 -14.00 19.04 14.33
N ASP A 118 -13.15 18.54 13.45
CA ASP A 118 -12.60 19.35 12.36
C ASP A 118 -13.75 19.91 11.52
N PRO A 119 -13.89 21.24 11.44
CA PRO A 119 -14.98 21.80 10.61
C PRO A 119 -14.92 21.36 9.16
N ILE A 120 -13.72 21.13 8.61
CA ILE A 120 -13.61 20.73 7.21
C ILE A 120 -14.36 19.42 6.97
N LEU A 121 -14.27 18.49 7.92
CA LEU A 121 -14.87 17.16 7.77
C LEU A 121 -16.29 17.09 8.33
N ASN A 122 -16.84 18.20 8.79
CA ASN A 122 -18.21 18.27 9.29
C ASN A 122 -18.73 19.69 9.06
N SER A 123 -18.76 20.09 7.79
CA SER A 123 -18.97 21.49 7.45
C SER A 123 -20.34 21.98 7.88
N THR A 124 -21.40 21.23 7.55
CA THR A 124 -22.74 21.73 7.82
C THR A 124 -23.07 21.73 9.30
N SER A 125 -22.55 20.77 10.07
CA SER A 125 -22.83 20.72 11.50
C SER A 125 -22.05 21.76 12.29
N TRP A 126 -20.98 22.30 11.73
CA TRP A 126 -20.17 23.27 12.47
C TRP A 126 -20.89 24.61 12.53
N THR A 127 -21.09 25.11 13.75
CA THR A 127 -21.57 26.47 13.95
C THR A 127 -20.36 27.39 14.04
N GLU A 128 -20.28 28.36 13.13
CA GLU A 128 -19.08 29.19 13.01
C GLU A 128 -18.79 29.90 14.33
N SER A 129 -17.57 29.70 14.82
CA SER A 129 -17.14 30.27 16.09
C SER A 129 -15.65 30.54 16.01
N LEU A 130 -15.27 31.81 16.08
CA LEU A 130 -13.88 32.22 15.95
C LEU A 130 -13.45 33.02 17.17
N SER A 131 -12.16 32.96 17.46
CA SER A 131 -11.59 33.70 18.57
C SER A 131 -10.14 34.04 18.26
N LEU A 132 -9.57 34.89 19.09
CA LEU A 132 -8.21 35.39 18.89
C LEU A 132 -7.50 35.46 20.24
N ILE A 133 -6.25 35.03 20.26
CA ILE A 133 -5.41 35.09 21.45
C ILE A 133 -4.17 35.91 21.10
N ARG A 134 -3.95 36.97 21.86
CA ARG A 134 -2.80 37.86 21.66
C ARG A 134 -1.75 37.57 22.71
N LEU A 135 -0.53 37.25 22.26
CA LEU A 135 0.58 36.94 23.15
C LEU A 135 1.71 37.91 22.90
N ALA A 136 2.20 38.53 23.96
CA ALA A 136 3.35 39.43 23.87
C ALA A 136 4.63 38.61 23.76
N VAL A 137 5.50 38.99 22.82
CA VAL A 137 6.74 38.25 22.62
C VAL A 137 7.75 38.55 23.72
N ARG A 138 7.60 39.66 24.43
CA ARG A 138 8.47 40.01 25.55
C ARG A 138 7.57 40.36 26.73
N PRO A 139 7.23 39.38 27.55
CA PRO A 139 6.25 39.62 28.61
C PRO A 139 6.72 40.62 29.65
N LYS A 140 5.73 41.21 30.34
CA LYS A 140 5.96 42.15 31.43
C LYS A 140 5.20 41.68 32.66
N SER A 141 5.80 41.87 33.83
CA SER A 141 5.07 41.71 35.08
C SER A 141 4.16 42.92 35.30
N ASP A 142 3.13 42.72 36.13
CA ASP A 142 2.25 43.81 36.57
C ASP A 142 1.59 44.53 35.40
N SER A 143 1.11 43.78 34.40
CA SER A 143 0.64 44.41 33.18
C SER A 143 -0.79 44.08 32.78
N GLY A 144 -1.53 43.31 33.56
CA GLY A 144 -2.91 43.01 33.20
C GLY A 144 -2.96 42.12 31.98
N ASP A 145 -3.67 42.58 30.95
CA ASP A 145 -3.90 41.80 29.74
C ASP A 145 -2.81 42.00 28.68
N TYR A 146 -1.68 42.61 29.05
CA TYR A 146 -0.62 42.84 28.07
C TYR A 146 -0.02 41.52 27.61
N ASN A 147 0.30 40.63 28.56
CA ASN A 147 0.95 39.38 28.21
C ASN A 147 0.04 38.47 27.40
N GLN A 148 -1.22 38.34 27.81
CA GLN A 148 -2.16 37.43 27.16
C GLN A 148 -3.54 38.06 27.14
N LYS A 149 -4.19 38.01 25.98
CA LYS A 149 -5.55 38.52 25.82
C LYS A 149 -6.32 37.63 24.87
N TYR A 150 -7.48 37.15 25.32
CA TYR A 150 -8.37 36.30 24.54
C TYR A 150 -9.64 37.08 24.24
N ILE A 151 -10.03 37.10 22.97
CA ILE A 151 -11.24 37.79 22.54
C ILE A 151 -12.01 36.88 21.60
N ALA A 152 -13.29 36.75 21.87
CA ALA A 152 -14.16 36.08 20.92
C ALA A 152 -14.56 37.03 19.81
N ILE A 153 -14.65 36.51 18.59
CA ILE A 153 -15.03 37.30 17.43
C ILE A 153 -16.54 37.18 17.22
N THR A 154 -17.20 38.31 17.06
CA THR A 154 -18.63 38.31 16.75
C THR A 154 -18.98 39.07 15.50
N LYS A 155 -18.30 40.17 15.18
CA LYS A 155 -18.53 40.91 13.94
C LYS A 155 -17.73 40.24 12.82
N VAL A 156 -18.42 39.51 11.95
CA VAL A 156 -17.79 38.84 10.82
C VAL A 156 -18.54 39.23 9.55
N GLU A 157 -17.81 39.77 8.58
CA GLU A 157 -18.36 40.04 7.25
C GLU A 157 -17.84 38.94 6.32
N ARG A 158 -18.76 38.10 5.84
CA ARG A 158 -18.39 36.94 5.03
C ARG A 158 -18.66 37.12 3.55
N GLY A 159 -19.35 38.18 3.16
CA GLY A 159 -19.74 38.28 1.76
C GLY A 159 -20.78 37.24 1.43
N LYS A 160 -20.54 36.49 0.35
CA LYS A 160 -21.49 35.49 -0.12
C LYS A 160 -21.36 34.15 0.59
N TYR A 161 -20.41 34.00 1.51
CA TYR A 161 -20.13 32.71 2.11
C TYR A 161 -20.89 32.54 3.43
N ASP A 162 -21.37 31.33 3.67
CA ASP A 162 -22.10 31.03 4.91
C ASP A 162 -21.17 31.14 6.12
N LYS A 163 -20.01 30.51 6.04
CA LYS A 163 -19.08 30.45 7.15
C LYS A 163 -17.67 30.71 6.64
N VAL A 164 -16.84 31.28 7.51
CA VAL A 164 -15.43 31.52 7.21
C VAL A 164 -14.60 31.02 8.38
N MET A 165 -13.32 30.76 8.10
CA MET A 165 -12.47 30.09 9.08
C MET A 165 -11.00 30.32 8.72
N PRO A 166 -10.12 30.51 9.70
CA PRO A 166 -8.69 30.54 9.40
C PRO A 166 -8.22 29.18 8.88
N TYR A 167 -7.32 29.22 7.88
CA TYR A 167 -6.92 28.01 7.16
C TYR A 167 -5.47 28.15 6.70
N GLY A 168 -4.54 28.03 7.65
CA GLY A 168 -3.13 28.10 7.35
C GLY A 168 -2.31 28.48 8.56
N PRO A 169 -1.00 28.18 8.51
CA PRO A 169 -0.17 28.40 9.72
C PRO A 169 0.04 29.86 10.06
N SER A 170 0.33 30.73 9.08
CA SER A 170 0.75 32.07 9.42
C SER A 170 0.21 33.08 8.41
N GLY A 171 0.10 34.33 8.87
CA GLY A 171 -0.32 35.43 8.02
C GLY A 171 0.66 36.59 8.06
N ILE A 172 0.23 37.74 7.56
CA ILE A 172 1.09 38.91 7.41
C ILE A 172 0.31 40.15 7.86
N LYS A 173 1.05 41.15 8.34
CA LYS A 173 0.48 42.44 8.64
C LYS A 173 0.82 43.41 7.51
N GLN A 174 -0.06 44.40 7.33
CA GLN A 174 0.17 45.49 6.38
C GLN A 174 -0.23 46.79 7.05
N GLY A 175 0.77 47.57 7.46
CA GLY A 175 0.51 48.74 8.27
C GLY A 175 0.03 48.35 9.65
N ASP A 176 -1.27 48.51 9.90
CA ASP A 176 -1.87 48.09 11.16
C ASP A 176 -3.05 47.15 10.93
N THR A 177 -3.12 46.53 9.76
CA THR A 177 -4.16 45.56 9.43
C THR A 177 -3.55 44.18 9.33
N LEU A 178 -4.15 43.21 10.02
CA LEU A 178 -3.69 41.84 9.98
C LEU A 178 -4.42 41.06 8.90
N TYR A 179 -3.70 40.16 8.24
CA TYR A 179 -4.28 39.29 7.23
C TYR A 179 -3.95 37.85 7.58
N PHE A 180 -4.98 37.01 7.63
CA PHE A 180 -4.84 35.61 7.99
C PHE A 180 -5.19 34.71 6.82
N PRO A 181 -4.46 33.62 6.61
CA PRO A 181 -4.92 32.60 5.66
C PRO A 181 -6.26 32.06 6.10
N ALA A 182 -7.21 31.99 5.17
CA ALA A 182 -8.58 31.71 5.53
C ALA A 182 -9.26 30.91 4.43
N VAL A 183 -10.47 30.44 4.74
CA VAL A 183 -11.29 29.67 3.80
C VAL A 183 -12.74 30.04 4.01
N GLY A 184 -13.48 30.16 2.91
CA GLY A 184 -14.91 30.41 2.94
C GLY A 184 -15.67 29.17 2.48
N PHE A 185 -16.70 28.82 3.25
CA PHE A 185 -17.60 27.72 2.92
C PHE A 185 -18.73 28.26 2.07
N LEU A 186 -18.74 27.92 0.78
CA LEU A 186 -19.81 28.35 -0.11
C LEU A 186 -20.61 27.15 -0.58
N PRO A 187 -21.94 27.18 -0.44
CA PRO A 187 -22.75 26.06 -0.96
C PRO A 187 -22.56 25.89 -2.45
N ARG A 188 -22.53 24.62 -2.89
CA ARG A 188 -22.32 24.33 -4.31
C ARG A 188 -23.30 25.08 -5.19
N THR A 189 -24.56 25.18 -4.75
CA THR A 189 -25.59 25.81 -5.55
C THR A 189 -25.26 27.26 -5.87
N GLU A 190 -24.57 27.96 -4.96
CA GLU A 190 -24.20 29.35 -5.16
C GLU A 190 -22.86 29.52 -5.86
N PHE A 191 -22.18 28.43 -6.20
CA PHE A 191 -20.85 28.51 -6.78
C PHE A 191 -20.95 28.80 -8.27
N GLN A 192 -20.42 29.94 -8.69
CA GLN A 192 -20.36 30.30 -10.10
C GLN A 192 -19.04 29.81 -10.68
N TYR A 193 -19.12 28.80 -11.55
CA TYR A 193 -17.95 28.33 -12.28
C TYR A 193 -18.39 27.83 -13.65
N ASN A 194 -17.59 28.13 -14.65
CA ASN A 194 -17.87 27.75 -16.03
C ASN A 194 -17.03 26.52 -16.37
N ASP A 195 -17.70 25.42 -16.72
CA ASP A 195 -17.02 24.16 -16.99
C ASP A 195 -15.98 24.32 -18.11
N SER A 196 -16.31 25.08 -19.14
CA SER A 196 -15.40 25.31 -20.26
C SER A 196 -14.04 25.84 -19.82
N ASN A 197 -13.90 26.30 -18.56
CA ASN A 197 -12.64 26.84 -18.05
C ASN A 197 -11.73 25.77 -17.47
N CYS A 198 -12.23 24.58 -17.18
CA CYS A 198 -11.39 23.51 -16.65
C CYS A 198 -10.45 23.01 -17.74
N PRO A 199 -9.13 23.09 -17.55
CA PRO A 199 -8.20 22.80 -18.65
C PRO A 199 -7.97 21.31 -18.88
N ILE A 200 -8.80 20.71 -19.74
CA ILE A 200 -8.68 19.31 -20.09
C ILE A 200 -8.04 19.11 -21.46
N ILE A 201 -7.45 20.17 -22.03
CA ILE A 201 -7.14 20.18 -23.45
C ILE A 201 -6.16 19.08 -23.81
N HIS A 202 -5.12 18.88 -22.99
CA HIS A 202 -4.15 17.82 -23.22
C HIS A 202 -4.35 16.65 -22.27
N CYS A 203 -5.56 16.50 -21.74
CA CYS A 203 -5.91 15.53 -20.72
C CYS A 203 -7.00 14.63 -21.30
N LYS A 204 -6.57 13.52 -21.91
CA LYS A 204 -7.50 12.66 -22.65
C LYS A 204 -8.58 12.09 -21.74
N TYR A 205 -8.21 11.71 -20.52
CA TYR A 205 -9.12 11.04 -19.60
C TYR A 205 -9.80 12.00 -18.64
N SER A 206 -9.63 13.30 -18.82
CA SER A 206 -10.29 14.28 -17.98
C SER A 206 -11.65 14.65 -18.55
N LYS A 207 -12.51 15.16 -17.67
CA LYS A 207 -13.83 15.63 -18.06
C LYS A 207 -13.98 17.09 -17.63
N ALA A 208 -14.84 17.81 -18.35
CA ALA A 208 -14.99 19.25 -18.11
C ALA A 208 -15.42 19.52 -16.67
N GLU A 209 -16.21 18.63 -16.09
CA GLU A 209 -16.80 18.84 -14.78
C GLU A 209 -15.81 18.67 -13.63
N ASN A 210 -14.59 18.22 -13.90
CA ASN A 210 -13.72 17.76 -12.82
C ASN A 210 -13.30 18.90 -11.90
N CYS A 211 -13.08 20.10 -12.45
CA CYS A 211 -12.68 21.24 -11.62
C CYS A 211 -13.77 21.60 -10.62
N ARG A 212 -14.99 21.82 -11.13
CA ARG A 212 -16.10 22.25 -10.28
C ARG A 212 -16.41 21.21 -9.22
N LEU A 213 -16.34 19.93 -9.58
CA LEU A 213 -16.62 18.87 -8.61
C LEU A 213 -15.57 18.84 -7.50
N SER A 214 -14.30 19.04 -7.86
CA SER A 214 -13.21 18.91 -6.89
C SER A 214 -12.98 20.17 -6.08
N MET A 215 -13.83 21.19 -6.20
CA MET A 215 -13.75 22.32 -5.30
C MET A 215 -14.36 22.03 -3.93
N GLY A 216 -14.98 20.87 -3.76
CA GLY A 216 -15.39 20.40 -2.46
C GLY A 216 -14.65 19.11 -2.12
N VAL A 217 -14.71 18.73 -0.83
CA VAL A 217 -14.00 17.55 -0.37
C VAL A 217 -14.52 16.28 -1.03
N ASN A 218 -15.72 16.32 -1.61
CA ASN A 218 -16.21 15.23 -2.44
C ASN A 218 -17.17 15.82 -3.48
N SER A 219 -17.48 15.01 -4.49
CA SER A 219 -18.27 15.50 -5.62
C SER A 219 -19.65 15.95 -5.18
N LYS A 220 -20.26 15.26 -4.22
CA LYS A 220 -21.59 15.58 -3.73
C LYS A 220 -21.55 16.42 -2.46
N SER A 221 -20.42 17.05 -2.16
CA SER A 221 -20.30 17.86 -0.95
C SER A 221 -21.28 19.03 -0.99
N HIS A 222 -21.84 19.35 0.18
CA HIS A 222 -22.77 20.47 0.27
C HIS A 222 -22.05 21.79 -0.04
N TYR A 223 -20.84 21.94 0.48
CA TYR A 223 -20.04 23.14 0.29
C TYR A 223 -18.89 22.88 -0.67
N ILE A 224 -18.49 23.94 -1.37
CA ILE A 224 -17.15 24.01 -1.94
C ILE A 224 -16.33 24.91 -1.03
N LEU A 225 -15.02 24.73 -1.05
CA LEU A 225 -14.10 25.49 -0.21
C LEU A 225 -13.27 26.41 -1.08
N ARG A 226 -13.23 27.69 -0.72
CA ARG A 226 -12.44 28.70 -1.41
C ARG A 226 -11.51 29.36 -0.41
N SER A 227 -10.21 29.35 -0.71
CA SER A 227 -9.26 30.01 0.18
C SER A 227 -9.34 31.52 0.03
N GLY A 228 -8.77 32.21 1.00
CA GLY A 228 -8.76 33.65 0.97
C GLY A 228 -8.07 34.19 2.20
N LEU A 229 -8.47 35.40 2.59
CA LEU A 229 -7.86 36.07 3.72
C LEU A 229 -8.93 36.51 4.70
N LEU A 230 -8.55 36.56 5.98
CA LEU A 230 -9.36 37.18 7.02
C LEU A 230 -8.65 38.44 7.46
N LYS A 231 -9.35 39.57 7.37
CA LYS A 231 -8.76 40.89 7.56
C LYS A 231 -9.21 41.47 8.89
N TYR A 232 -8.26 42.04 9.63
CA TYR A 232 -8.52 42.67 10.93
C TYR A 232 -7.70 43.94 10.99
N ASN A 233 -8.39 45.08 10.90
CA ASN A 233 -7.76 46.40 10.96
C ASN A 233 -7.68 46.84 12.41
N LEU A 234 -6.45 46.90 12.95
CA LEU A 234 -6.29 47.24 14.35
C LEU A 234 -6.58 48.71 14.63
N SER A 235 -6.42 49.58 13.63
CA SER A 235 -6.64 51.01 13.84
C SER A 235 -8.11 51.34 14.01
N LEU A 236 -9.01 50.47 13.54
CA LEU A 236 -10.44 50.76 13.65
C LEU A 236 -10.87 50.87 15.11
N GLY A 237 -10.48 49.91 15.94
CA GLY A 237 -10.94 49.92 17.31
C GLY A 237 -12.41 49.54 17.39
N GLY A 238 -13.00 49.89 18.53
CA GLY A 238 -14.37 49.49 18.77
C GLY A 238 -14.48 47.98 18.89
N ASP A 239 -15.64 47.46 18.49
CA ASP A 239 -15.82 46.01 18.36
C ASP A 239 -15.10 45.53 17.11
N ILE A 240 -14.29 44.48 17.26
CA ILE A 240 -13.42 44.04 16.17
C ILE A 240 -14.25 43.46 15.03
N ILE A 241 -13.86 43.79 13.81
CA ILE A 241 -14.55 43.37 12.61
C ILE A 241 -13.62 42.44 11.83
N LEU A 242 -14.13 41.27 11.45
CA LEU A 242 -13.39 40.30 10.66
C LEU A 242 -13.98 40.27 9.25
N GLN A 243 -13.11 40.40 8.25
CA GLN A 243 -13.52 40.57 6.86
C GLN A 243 -12.88 39.48 6.02
N PHE A 244 -13.70 38.70 5.33
CA PHE A 244 -13.20 37.65 4.46
C PHE A 244 -12.96 38.19 3.06
N ILE A 245 -11.81 37.86 2.48
CA ILE A 245 -11.40 38.28 1.16
C ILE A 245 -11.13 37.02 0.34
N GLU A 246 -11.96 36.76 -0.66
CA GLU A 246 -11.79 35.55 -1.46
C GLU A 246 -10.59 35.69 -2.39
N ILE A 247 -9.98 34.55 -2.70
CA ILE A 247 -8.87 34.50 -3.66
C ILE A 247 -9.43 34.52 -5.07
N ALA A 248 -8.64 35.03 -6.01
CA ALA A 248 -9.06 35.14 -7.39
C ALA A 248 -9.11 33.77 -8.06
N ASP A 249 -9.86 33.69 -9.17
CA ASP A 249 -10.10 32.42 -9.82
C ASP A 249 -8.99 31.99 -10.77
N ASN A 250 -7.91 32.76 -10.87
CA ASN A 250 -6.79 32.35 -11.71
C ASN A 250 -6.08 31.16 -11.07
N ARG A 251 -6.01 30.05 -11.80
CA ARG A 251 -5.42 28.81 -11.29
C ARG A 251 -6.09 28.38 -10.00
N LEU A 252 -7.42 28.38 -10.01
CA LEU A 252 -8.20 28.10 -8.81
C LEU A 252 -8.13 26.63 -8.47
N THR A 253 -7.90 26.33 -7.19
CA THR A 253 -7.99 24.98 -6.66
C THR A 253 -8.81 25.02 -5.37
N ILE A 254 -9.15 23.85 -4.85
CA ILE A 254 -9.98 23.77 -3.66
C ILE A 254 -9.31 24.52 -2.51
N GLY A 255 -10.13 25.12 -1.65
CA GLY A 255 -9.65 25.75 -0.44
C GLY A 255 -8.77 24.80 0.35
N SER A 256 -7.57 25.26 0.69
CA SER A 256 -6.58 24.42 1.35
C SER A 256 -5.74 25.29 2.25
N PRO A 257 -5.08 24.71 3.26
CA PRO A 257 -4.23 25.51 4.15
C PRO A 257 -3.18 26.28 3.36
N SER A 258 -3.06 27.57 3.67
CA SER A 258 -2.24 28.48 2.90
C SER A 258 -1.33 29.28 3.83
N LYS A 259 -0.46 30.08 3.23
CA LYS A 259 0.44 30.95 3.98
C LYS A 259 0.68 32.21 3.17
N ILE A 260 0.51 33.35 3.83
CA ILE A 260 0.86 34.65 3.27
C ILE A 260 1.91 35.27 4.19
N TYR A 261 3.02 35.73 3.62
CA TYR A 261 4.15 36.11 4.45
C TYR A 261 4.96 37.21 3.78
N ASN A 262 5.70 37.92 4.61
CA ASN A 262 6.60 38.96 4.13
C ASN A 262 7.93 38.35 3.73
N SER A 263 8.43 38.76 2.56
CA SER A 263 9.77 38.40 2.12
C SER A 263 10.32 39.55 1.30
N LEU A 264 11.47 40.08 1.73
CA LEU A 264 12.15 41.17 1.03
C LEU A 264 11.19 42.33 0.73
N GLY A 265 10.30 42.61 1.67
CA GLY A 265 9.47 43.79 1.62
C GLY A 265 8.12 43.64 0.94
N GLN A 266 7.77 42.45 0.46
CA GLN A 266 6.51 42.25 -0.24
C GLN A 266 5.81 40.99 0.25
N PRO A 267 4.49 40.94 0.13
CA PRO A 267 3.76 39.72 0.52
C PRO A 267 3.87 38.62 -0.51
N VAL A 268 4.12 37.40 -0.02
CA VAL A 268 4.21 36.21 -0.84
C VAL A 268 3.17 35.21 -0.33
N PHE A 269 2.66 34.38 -1.25
CA PHE A 269 1.58 33.45 -0.93
C PHE A 269 1.96 32.03 -1.34
N TYR A 270 1.54 31.07 -0.53
CA TYR A 270 1.63 29.65 -0.86
C TYR A 270 0.30 28.99 -0.54
N GLN A 271 -0.13 28.07 -1.40
CA GLN A 271 -1.36 27.32 -1.20
C GLN A 271 -1.09 25.83 -1.39
N ALA A 272 -1.57 25.03 -0.44
CA ALA A 272 -1.40 23.59 -0.54
C ALA A 272 -2.24 23.04 -1.70
N SER A 273 -1.63 22.16 -2.48
CA SER A 273 -2.30 21.54 -3.62
C SER A 273 -3.03 20.29 -3.12
N TYR A 274 -4.33 20.43 -2.85
CA TYR A 274 -5.13 19.36 -2.27
C TYR A 274 -5.98 18.64 -3.29
N SER A 275 -5.72 18.82 -4.59
CA SER A 275 -6.48 18.11 -5.60
C SER A 275 -5.62 17.75 -6.80
N TRP A 276 -6.13 18.01 -8.00
CA TRP A 276 -5.52 17.51 -9.23
C TRP A 276 -4.38 18.39 -9.74
N ASP A 277 -4.36 19.66 -9.38
CA ASP A 277 -3.28 20.56 -9.79
C ASP A 277 -2.19 20.48 -8.73
N THR A 278 -1.28 19.54 -8.91
CA THR A 278 -0.37 19.13 -7.86
C THR A 278 1.00 19.80 -7.92
N MET A 279 1.28 20.62 -8.92
CA MET A 279 2.51 21.39 -8.93
C MET A 279 2.41 22.54 -7.93
N ILE A 280 3.53 22.81 -7.25
CA ILE A 280 3.52 23.73 -6.11
C ILE A 280 2.93 25.08 -6.51
N LYS A 281 2.10 25.64 -5.63
CA LYS A 281 1.39 26.88 -5.87
C LYS A 281 1.95 27.96 -4.95
N LEU A 282 2.72 28.88 -5.52
CA LEU A 282 3.28 29.98 -4.75
C LEU A 282 3.61 31.13 -5.69
N GLY A 283 3.88 32.28 -5.12
CA GLY A 283 4.22 33.45 -5.90
C GLY A 283 3.96 34.73 -5.13
N ASP A 284 4.45 35.83 -5.69
CA ASP A 284 4.20 37.14 -5.12
C ASP A 284 2.72 37.48 -5.18
N VAL A 285 2.26 38.20 -4.18
CA VAL A 285 0.89 38.71 -4.17
C VAL A 285 0.84 39.95 -5.05
N ASP A 286 0.01 39.91 -6.09
CA ASP A 286 -0.20 41.08 -6.92
C ASP A 286 -0.99 42.14 -6.16
N THR A 287 -2.12 41.75 -5.58
CA THR A 287 -2.97 42.62 -4.79
C THR A 287 -3.48 41.86 -3.58
N VAL A 288 -3.46 42.50 -2.41
CA VAL A 288 -3.96 41.84 -1.21
C VAL A 288 -5.48 41.84 -1.18
N ASP A 289 -6.10 42.96 -1.55
CA ASP A 289 -7.55 43.11 -1.50
C ASP A 289 -8.03 43.81 -2.78
N PRO A 290 -8.67 43.09 -3.71
CA PRO A 290 -8.94 41.65 -3.69
C PRO A 290 -7.65 40.83 -3.83
N LEU A 291 -7.68 39.57 -3.40
CA LEU A 291 -6.47 38.75 -3.32
C LEU A 291 -6.20 38.10 -4.68
N ARG A 292 -5.09 38.48 -5.30
CA ARG A 292 -4.64 37.86 -6.55
C ARG A 292 -3.17 37.54 -6.42
N VAL A 293 -2.80 36.31 -6.78
CA VAL A 293 -1.44 35.81 -6.65
C VAL A 293 -0.88 35.55 -8.05
N GLN A 294 0.37 35.97 -8.27
CA GLN A 294 1.08 35.63 -9.49
C GLN A 294 1.79 34.31 -9.26
N TRP A 295 1.04 33.22 -9.46
CA TRP A 295 1.57 31.88 -9.24
C TRP A 295 2.78 31.64 -10.13
N ARG A 296 3.83 31.08 -9.54
CA ARG A 296 4.99 30.67 -10.32
C ARG A 296 4.62 29.50 -11.21
N ASN A 297 5.20 29.48 -12.41
CA ASN A 297 5.08 28.31 -13.29
C ASN A 297 6.21 27.37 -12.94
N ASN A 298 6.05 26.69 -11.80
CA ASN A 298 7.09 25.86 -11.22
C ASN A 298 6.96 24.43 -11.73
N SER A 299 8.06 23.87 -12.21
CA SER A 299 8.06 22.59 -12.93
C SER A 299 8.83 21.51 -12.18
N VAL A 300 9.26 21.76 -10.94
CA VAL A 300 10.15 20.84 -10.25
C VAL A 300 9.65 20.39 -8.89
N ILE A 301 8.65 21.05 -8.29
CA ILE A 301 8.21 20.74 -6.94
C ILE A 301 6.73 20.39 -6.98
N SER A 302 6.38 19.25 -6.39
CA SER A 302 4.98 18.85 -6.26
C SER A 302 4.82 18.24 -4.87
N ARG A 303 3.70 17.57 -4.65
CA ARG A 303 3.39 16.98 -3.36
C ARG A 303 2.87 15.57 -3.56
N PRO A 304 3.10 14.68 -2.58
CA PRO A 304 2.54 13.33 -2.67
C PRO A 304 1.02 13.36 -2.57
N GLY A 305 0.38 12.45 -3.28
CA GLY A 305 -1.07 12.34 -3.32
C GLY A 305 -1.50 10.90 -3.06
N GLN A 306 -2.51 10.47 -3.81
CA GLN A 306 -2.95 9.09 -3.80
C GLN A 306 -2.91 8.57 -5.24
N SER A 307 -3.69 7.53 -5.55
CA SER A 307 -3.55 6.91 -6.87
C SER A 307 -4.32 7.66 -7.96
N GLN A 308 -5.30 8.49 -7.60
CA GLN A 308 -6.05 9.20 -8.64
C GLN A 308 -5.33 10.48 -9.08
N CYS A 309 -4.76 11.24 -8.12
CA CYS A 309 -3.97 12.44 -8.39
C CYS A 309 -2.65 12.33 -7.65
N PRO A 310 -1.74 11.46 -8.11
CA PRO A 310 -0.45 11.32 -7.41
C PRO A 310 0.48 12.49 -7.65
N ARG A 311 1.73 12.37 -7.20
CA ARG A 311 2.70 13.44 -7.42
C ARG A 311 2.94 13.65 -8.90
N PHE A 312 2.96 14.91 -9.31
CA PHE A 312 3.19 15.41 -10.68
C PHE A 312 1.94 15.32 -11.55
N ASN A 313 0.77 15.01 -10.98
CA ASN A 313 -0.47 15.08 -11.74
C ASN A 313 -0.76 16.52 -12.15
N VAL A 314 -1.22 16.70 -13.38
CA VAL A 314 -1.48 18.05 -13.89
C VAL A 314 -2.86 18.09 -14.53
N CYS A 315 -3.51 16.95 -14.61
CA CYS A 315 -4.73 16.99 -15.40
C CYS A 315 -5.96 16.84 -14.51
N PRO A 316 -7.02 17.62 -14.76
CA PRO A 316 -8.12 17.72 -13.79
C PRO A 316 -8.78 16.38 -13.48
N GLU A 317 -8.87 16.08 -12.19
CA GLU A 317 -9.60 14.93 -11.68
C GLU A 317 -10.41 15.38 -10.47
N VAL A 318 -11.29 14.50 -10.01
CA VAL A 318 -12.05 14.70 -8.78
C VAL A 318 -11.30 13.97 -7.68
N CYS A 319 -10.47 14.71 -6.95
CA CYS A 319 -9.63 14.14 -5.91
C CYS A 319 -9.44 15.14 -4.79
N TRP A 320 -9.30 14.62 -3.56
CA TRP A 320 -8.98 15.41 -2.38
C TRP A 320 -7.78 14.73 -1.72
N GLU A 321 -6.59 14.99 -2.26
CA GLU A 321 -5.37 14.33 -1.83
C GLU A 321 -4.23 15.33 -1.80
N GLY A 322 -3.28 15.10 -0.90
CA GLY A 322 -2.10 15.94 -0.84
C GLY A 322 -1.66 16.28 0.56
N THR A 323 -0.58 17.05 0.66
CA THR A 323 -0.02 17.47 1.93
C THR A 323 0.32 18.95 1.86
N TYR A 324 0.55 19.55 3.03
CA TYR A 324 1.01 20.92 3.13
C TYR A 324 2.52 20.93 3.24
N ASN A 325 3.19 21.48 2.23
CA ASN A 325 4.66 21.62 2.23
C ASN A 325 4.99 22.98 1.62
N ASP A 326 5.01 24.02 2.44
CA ASP A 326 5.20 25.36 1.92
C ASP A 326 6.68 25.63 1.62
N ALA A 327 6.91 26.70 0.86
CA ALA A 327 8.25 27.15 0.52
C ALA A 327 8.34 28.66 0.73
N PHE A 328 9.55 29.13 1.03
CA PHE A 328 9.79 30.51 1.42
C PHE A 328 10.70 31.16 0.40
N LEU A 329 10.26 32.27 -0.18
CA LEU A 329 11.07 33.01 -1.13
C LEU A 329 12.23 33.69 -0.42
N ILE A 330 13.45 33.43 -0.88
CA ILE A 330 14.65 34.00 -0.29
C ILE A 330 15.36 34.99 -1.21
N ASP A 331 14.95 35.07 -2.48
CA ASP A 331 15.63 35.92 -3.45
C ASP A 331 14.61 36.23 -4.54
N ARG A 332 14.07 37.45 -4.55
CA ARG A 332 13.05 37.78 -5.54
C ARG A 332 13.65 38.07 -6.92
N LEU A 333 14.87 38.60 -6.98
CA LEU A 333 15.47 38.92 -8.27
C LEU A 333 15.66 37.68 -9.13
N ASN A 334 16.12 36.59 -8.51
CA ASN A 334 16.28 35.30 -9.20
C ASN A 334 15.15 34.34 -8.89
N TRP A 335 14.10 34.81 -8.20
CA TRP A 335 13.01 34.03 -7.64
C TRP A 335 13.45 32.63 -7.21
N VAL A 336 14.19 32.59 -6.12
CA VAL A 336 14.66 31.35 -5.50
C VAL A 336 13.90 31.16 -4.20
N SER A 337 13.54 29.92 -3.90
CA SER A 337 12.79 29.61 -2.68
C SER A 337 13.45 28.45 -1.95
N ALA A 338 13.12 28.33 -0.67
CA ALA A 338 13.61 27.25 0.19
C ALA A 338 12.42 26.59 0.86
N GLY A 339 12.46 25.27 0.94
CA GLY A 339 11.37 24.53 1.56
C GLY A 339 11.67 23.05 1.61
N VAL A 340 10.79 22.33 2.29
CA VAL A 340 10.87 20.88 2.43
C VAL A 340 9.77 20.27 1.59
N TYR A 341 10.12 19.31 0.74
CA TYR A 341 9.15 18.53 0.00
C TYR A 341 9.27 17.06 0.38
N LEU A 342 8.22 16.31 0.09
CA LEU A 342 8.18 14.88 0.37
C LEU A 342 8.46 14.13 -0.92
N ASN A 343 9.57 13.38 -0.94
CA ASN A 343 10.05 12.71 -2.14
C ASN A 343 9.39 11.32 -2.26
N SER A 344 8.09 11.36 -2.50
CA SER A 344 7.29 10.16 -2.65
C SER A 344 6.06 10.51 -3.47
N ASN A 345 5.60 9.54 -4.25
CA ASN A 345 4.52 9.81 -5.20
C ASN A 345 3.15 9.70 -4.56
N GLN A 346 2.97 8.73 -3.66
CA GLN A 346 1.64 8.44 -3.13
C GLN A 346 1.63 8.22 -1.63
N THR A 347 2.75 8.42 -0.94
CA THR A 347 2.80 8.30 0.50
C THR A 347 3.56 9.50 1.07
N ALA A 348 3.26 9.83 2.31
CA ALA A 348 3.90 10.96 3.00
C ALA A 348 5.17 10.46 3.66
N GLU A 349 6.27 10.48 2.91
CA GLU A 349 7.57 10.05 3.45
C GLU A 349 8.69 10.69 2.65
N ASN A 350 9.91 10.56 3.18
CA ASN A 350 11.16 11.03 2.59
C ASN A 350 11.20 12.55 2.47
N PRO A 351 11.35 13.28 3.57
CA PRO A 351 11.41 14.74 3.50
C PRO A 351 12.78 15.24 3.05
N VAL A 352 12.77 16.21 2.14
CA VAL A 352 14.00 16.76 1.56
C VAL A 352 13.91 18.27 1.59
N PHE A 353 14.86 18.92 2.25
CA PHE A 353 14.97 20.37 2.22
C PHE A 353 15.64 20.79 0.93
N ALA A 354 15.04 21.74 0.22
CA ALA A 354 15.50 22.09 -1.12
C ALA A 354 15.49 23.61 -1.31
N VAL A 355 16.43 24.07 -2.13
CA VAL A 355 16.51 25.46 -2.59
C VAL A 355 16.37 25.41 -4.11
N PHE A 356 15.39 26.14 -4.65
CA PHE A 356 14.99 25.90 -6.03
C PHE A 356 14.49 27.16 -6.71
N LYS A 357 14.61 27.17 -8.03
CA LYS A 357 13.99 28.14 -8.91
C LYS A 357 12.74 27.52 -9.53
N ASP A 358 12.16 28.21 -10.51
CA ASP A 358 10.92 27.73 -11.12
C ASP A 358 11.11 26.39 -11.81
N ASN A 359 12.23 26.18 -12.49
CA ASN A 359 12.43 25.00 -13.31
C ASN A 359 13.70 24.25 -12.95
N GLU A 360 14.21 24.40 -11.73
CA GLU A 360 15.51 23.82 -11.40
C GLU A 360 15.68 23.79 -9.88
N ILE A 361 16.06 22.62 -9.36
CA ILE A 361 16.46 22.49 -7.96
C ILE A 361 17.97 22.72 -7.88
N LEU A 362 18.37 23.78 -7.19
CA LEU A 362 19.79 24.13 -7.14
C LEU A 362 20.55 23.17 -6.23
N TYR A 363 20.10 23.00 -4.99
CA TYR A 363 20.72 22.05 -4.08
C TYR A 363 19.69 21.61 -3.05
N GLN A 364 19.93 20.44 -2.47
CA GLN A 364 18.99 19.84 -1.53
C GLN A 364 19.70 18.81 -0.68
N VAL A 365 19.04 18.42 0.40
CA VAL A 365 19.59 17.45 1.35
C VAL A 365 18.44 16.72 2.04
N PRO A 366 18.52 15.40 2.18
CA PRO A 366 17.48 14.69 2.94
C PRO A 366 17.52 15.08 4.41
N LEU A 367 16.34 15.11 5.02
CA LEU A 367 16.21 15.43 6.44
C LEU A 367 16.05 14.19 7.29
N ALA A 368 15.95 13.01 6.68
CA ALA A 368 15.85 11.76 7.42
C ALA A 368 16.22 10.61 6.48
N GLU A 369 15.77 9.41 6.80
CA GLU A 369 16.02 8.25 5.96
C GLU A 369 15.02 8.23 4.79
N ASP A 370 15.32 7.39 3.79
CA ASP A 370 14.49 7.34 2.59
C ASP A 370 13.05 6.97 2.91
N ASP A 371 12.84 6.20 3.98
CA ASP A 371 11.54 5.61 4.31
C ASP A 371 10.82 6.34 5.42
N THR A 372 11.45 7.33 6.04
CA THR A 372 10.89 7.93 7.25
C THR A 372 9.62 8.71 6.92
N ASN A 373 8.56 8.45 7.70
CA ASN A 373 7.26 9.06 7.44
C ASN A 373 7.27 10.53 7.83
N ALA A 374 6.70 11.37 6.97
CA ALA A 374 6.65 12.81 7.20
C ALA A 374 5.46 13.39 6.45
N GLN A 375 4.68 14.24 7.12
CA GLN A 375 3.50 14.84 6.51
C GLN A 375 3.73 16.33 6.39
N LYS A 376 3.16 17.16 7.26
CA LYS A 376 3.19 18.61 7.09
C LYS A 376 4.59 19.16 7.35
N THR A 377 4.99 20.16 6.55
CA THR A 377 6.22 20.90 6.78
C THR A 377 5.98 22.40 6.58
N ILE A 378 6.53 23.20 7.49
CA ILE A 378 6.41 24.66 7.46
C ILE A 378 7.81 25.25 7.56
N THR A 379 8.17 26.10 6.59
CA THR A 379 9.49 26.70 6.53
C THR A 379 9.39 28.22 6.49
N ASP A 380 10.11 28.87 7.39
CA ASP A 380 10.23 30.33 7.43
C ASP A 380 11.70 30.70 7.45
N CYS A 381 12.07 31.71 6.66
CA CYS A 381 13.45 32.15 6.56
C CYS A 381 13.60 33.55 7.14
N PHE A 382 14.85 33.93 7.38
CA PHE A 382 15.14 35.17 8.11
C PHE A 382 16.64 35.43 8.10
N LEU A 383 17.00 36.64 8.54
CA LEU A 383 18.38 37.02 8.78
C LEU A 383 18.71 36.86 10.26
N LEU A 384 19.83 36.19 10.55
CA LEU A 384 20.40 36.17 11.89
C LEU A 384 21.75 36.89 11.80
N GLU A 385 21.85 38.04 12.47
CA GLU A 385 22.85 39.04 12.14
C GLU A 385 22.73 39.34 10.65
N ASN A 386 23.71 38.95 9.83
CA ASN A 386 23.58 39.12 8.38
C ASN A 386 23.66 37.80 7.64
N VAL A 387 23.31 36.70 8.29
CA VAL A 387 23.35 35.38 7.69
C VAL A 387 21.92 34.92 7.43
N ILE A 388 21.69 34.30 6.28
CA ILE A 388 20.37 33.82 5.89
C ILE A 388 20.17 32.42 6.44
N TRP A 389 19.14 32.25 7.27
CA TRP A 389 18.75 30.95 7.80
C TRP A 389 17.29 30.69 7.46
N CYS A 390 16.93 29.41 7.36
CA CYS A 390 15.54 28.99 7.26
C CYS A 390 15.27 27.94 8.34
N ILE A 391 14.11 28.07 8.99
CA ILE A 391 13.68 27.14 10.02
C ILE A 391 12.53 26.32 9.47
N SER A 392 12.61 25.00 9.63
CA SER A 392 11.66 24.06 9.05
C SER A 392 11.07 23.19 10.14
N LEU A 393 9.76 23.28 10.33
CA LEU A 393 9.02 22.34 11.16
C LEU A 393 8.60 21.16 10.28
N VAL A 394 8.89 19.95 10.74
CA VAL A 394 8.61 18.74 9.98
C VAL A 394 7.91 17.74 10.90
N GLU A 395 6.67 17.38 10.55
CA GLU A 395 6.00 16.27 11.20
C GLU A 395 6.68 14.97 10.80
N ILE A 396 7.17 14.21 11.77
CA ILE A 396 7.95 12.99 11.49
C ILE A 396 7.52 11.88 12.43
N TYR A 397 7.39 10.68 11.88
CA TYR A 397 7.03 9.49 12.64
C TYR A 397 8.29 8.74 13.06
N ASP A 398 8.42 8.50 14.37
CA ASP A 398 9.49 7.68 14.90
C ASP A 398 9.06 6.22 14.89
N THR A 399 9.77 5.38 14.15
CA THR A 399 9.47 3.95 14.17
C THR A 399 9.58 3.37 15.56
N GLY A 400 10.62 3.77 16.30
CA GLY A 400 10.85 3.17 17.60
C GLY A 400 9.85 3.63 18.63
N ASP A 401 9.62 4.94 18.68
CA ASP A 401 8.70 5.49 19.66
C ASP A 401 7.36 5.85 19.03
N VAL A 403 7.54 9.13 21.16
CA VAL A 403 6.43 9.94 20.66
C VAL A 403 6.66 10.41 19.24
N ILE A 404 5.64 10.19 18.42
CA ILE A 404 5.56 10.80 17.11
C ILE A 404 5.27 12.28 17.26
N ARG A 405 6.16 13.13 16.75
CA ARG A 405 6.13 14.54 17.10
C ARG A 405 6.78 15.35 15.97
N PRO A 406 6.57 16.67 15.97
CA PRO A 406 7.31 17.54 15.05
C PRO A 406 8.76 17.67 15.44
N LYS A 407 9.59 17.94 14.44
CA LYS A 407 10.99 18.25 14.64
C LYS A 407 11.29 19.60 13.99
N LEU A 408 12.28 20.30 14.53
CA LEU A 408 12.67 21.61 14.04
C LEU A 408 14.10 21.55 13.52
N PHE A 409 14.30 22.02 12.29
CA PHE A 409 15.62 22.06 11.67
C PHE A 409 15.97 23.49 11.29
N ALA A 410 17.22 23.85 11.55
CA ALA A 410 17.78 25.11 11.08
C ALA A 410 18.76 24.80 9.95
N VAL A 411 18.58 25.48 8.82
CA VAL A 411 19.42 25.27 7.63
C VAL A 411 19.99 26.62 7.22
N LYS A 412 21.31 26.72 7.17
CA LYS A 412 21.96 27.92 6.68
C LYS A 412 22.03 27.89 5.16
N ILE A 413 21.63 28.98 4.53
CA ILE A 413 21.67 29.12 3.08
C ILE A 413 23.03 29.69 2.70
N PRO A 414 23.87 28.96 1.97
CA PRO A 414 25.24 29.43 1.72
C PRO A 414 25.25 30.67 0.82
N ALA A 415 26.17 31.58 1.12
CA ALA A 415 26.35 32.77 0.30
C ALA A 415 27.13 32.46 -0.97
N GLN A 416 28.07 31.52 -0.91
CA GLN A 416 28.92 31.19 -2.03
C GLN A 416 28.77 29.72 -2.37
N CYS A 417 29.48 29.29 -3.41
CA CYS A 417 29.43 27.90 -3.84
C CYS A 417 30.79 27.21 -3.69
N GLU B 1 -24.51 -5.28 -3.59
CA GLU B 1 -23.20 -5.82 -3.27
C GLU B 1 -22.24 -5.66 -4.45
N VAL B 2 -20.94 -5.67 -4.14
CA VAL B 2 -19.91 -5.49 -5.16
C VAL B 2 -19.56 -6.84 -5.76
N GLN B 3 -19.60 -6.92 -7.08
CA GLN B 3 -19.19 -8.12 -7.81
C GLN B 3 -18.12 -7.76 -8.83
N LEU B 4 -17.15 -8.65 -8.98
CA LEU B 4 -16.12 -8.54 -10.02
C LEU B 4 -16.05 -9.88 -10.73
N LEU B 5 -16.23 -9.87 -12.05
CA LEU B 5 -16.38 -11.09 -12.84
C LEU B 5 -15.36 -11.07 -13.97
N GLU B 6 -14.32 -11.89 -13.84
CA GLU B 6 -13.24 -11.95 -14.82
C GLU B 6 -13.57 -12.96 -15.91
N SER B 7 -13.05 -12.71 -17.11
CA SER B 7 -13.22 -13.61 -18.23
C SER B 7 -12.10 -13.37 -19.23
N GLY B 8 -11.95 -14.31 -20.16
CA GLY B 8 -10.94 -14.21 -21.20
C GLY B 8 -9.75 -15.12 -21.03
N GLY B 9 -9.64 -15.84 -19.92
CA GLY B 9 -8.53 -16.76 -19.74
C GLY B 9 -8.63 -17.97 -20.65
N GLY B 10 -7.52 -18.67 -20.77
CA GLY B 10 -7.47 -19.86 -21.61
C GLY B 10 -6.04 -20.32 -21.81
N LEU B 11 -5.89 -21.20 -22.80
CA LEU B 11 -4.61 -21.79 -23.15
C LEU B 11 -3.99 -21.04 -24.32
N ILE B 12 -2.69 -20.76 -24.22
CA ILE B 12 -1.98 -20.01 -25.23
C ILE B 12 -0.52 -20.41 -25.21
N GLN B 13 0.12 -20.36 -26.37
CA GLN B 13 1.53 -20.67 -26.50
C GLN B 13 2.38 -19.45 -26.12
N PRO B 14 3.63 -19.66 -25.74
CA PRO B 14 4.49 -18.51 -25.42
C PRO B 14 4.67 -17.60 -26.62
N GLY B 15 4.62 -16.29 -26.35
CA GLY B 15 4.67 -15.30 -27.40
C GLY B 15 3.32 -14.85 -27.91
N GLY B 16 2.23 -15.49 -27.48
CA GLY B 16 0.90 -15.10 -27.88
C GLY B 16 0.32 -13.99 -27.01
N SER B 17 -0.89 -13.59 -27.35
CA SER B 17 -1.57 -12.52 -26.64
C SER B 17 -2.98 -12.94 -26.24
N LEU B 18 -3.38 -12.54 -25.04
CA LEU B 18 -4.73 -12.75 -24.54
C LEU B 18 -5.27 -11.44 -23.99
N ARG B 19 -6.59 -11.31 -23.97
CA ARG B 19 -7.25 -10.14 -23.43
C ARG B 19 -8.19 -10.56 -22.31
N LEU B 20 -7.94 -10.03 -21.11
CA LEU B 20 -8.82 -10.28 -19.99
C LEU B 20 -9.83 -9.15 -19.84
N SER B 21 -11.01 -9.50 -19.34
CA SER B 21 -12.04 -8.53 -19.02
C SER B 21 -12.51 -8.78 -17.60
N CYS B 22 -12.99 -7.72 -16.96
CA CYS B 22 -13.58 -7.81 -15.63
C CYS B 22 -14.83 -6.95 -15.59
N ALA B 23 -15.97 -7.57 -15.34
CA ALA B 23 -17.24 -6.88 -15.26
C ALA B 23 -17.49 -6.48 -13.81
N ALA B 24 -17.73 -5.19 -13.58
CA ALA B 24 -17.87 -4.65 -12.24
C ALA B 24 -19.28 -4.11 -12.02
N SER B 25 -19.80 -4.32 -10.82
CA SER B 25 -21.09 -3.79 -10.41
C SER B 25 -21.09 -3.62 -8.90
N GLY B 26 -22.09 -2.90 -8.40
CA GLY B 26 -22.25 -2.68 -6.97
C GLY B 26 -21.62 -1.41 -6.44
N PHE B 27 -20.88 -0.68 -7.26
CA PHE B 27 -20.24 0.56 -6.84
C PHE B 27 -20.11 1.46 -8.06
N THR B 28 -19.81 2.74 -7.82
CA THR B 28 -19.51 3.63 -8.93
C THR B 28 -18.13 3.29 -9.46
N PHE B 29 -18.10 2.71 -10.67
CA PHE B 29 -16.87 2.13 -11.21
C PHE B 29 -15.78 3.19 -11.37
N SER B 30 -16.13 4.37 -11.86
CA SER B 30 -15.15 5.37 -12.24
C SER B 30 -14.50 6.09 -11.06
N ARG B 31 -14.97 5.86 -9.83
CA ARG B 31 -14.42 6.54 -8.68
C ARG B 31 -13.35 5.73 -7.95
N PHE B 32 -13.07 4.51 -8.40
CA PHE B 32 -12.17 3.61 -7.69
C PHE B 32 -11.03 3.16 -8.58
N THR B 33 -9.85 3.00 -7.97
CA THR B 33 -8.70 2.41 -8.63
C THR B 33 -8.87 0.90 -8.72
N MET B 34 -8.59 0.34 -9.89
CA MET B 34 -8.75 -1.07 -10.15
C MET B 34 -7.42 -1.70 -10.55
N SER B 35 -7.23 -2.96 -10.17
CA SER B 35 -5.95 -3.63 -10.38
C SER B 35 -6.16 -5.08 -10.81
N TRP B 36 -5.14 -5.62 -11.45
CA TRP B 36 -5.04 -7.05 -11.74
C TRP B 36 -3.97 -7.65 -10.83
N VAL B 37 -4.34 -8.71 -10.11
CA VAL B 37 -3.44 -9.43 -9.22
C VAL B 37 -3.45 -10.89 -9.62
N ARG B 38 -2.28 -11.45 -9.89
CA ARG B 38 -2.18 -12.82 -10.37
C ARG B 38 -1.54 -13.72 -9.32
N GLN B 39 -1.90 -15.00 -9.36
CA GLN B 39 -1.40 -16.01 -8.44
C GLN B 39 -0.94 -17.22 -9.24
N PRO B 40 0.37 -17.42 -9.41
CA PRO B 40 0.85 -18.64 -10.05
C PRO B 40 0.48 -19.83 -9.20
N PRO B 41 0.30 -21.01 -9.82
CA PRO B 41 -0.10 -22.19 -9.06
C PRO B 41 0.92 -22.53 -7.99
N GLY B 42 0.43 -22.74 -6.76
CA GLY B 42 1.27 -23.08 -5.63
C GLY B 42 2.08 -21.94 -5.04
N LYS B 43 1.87 -20.71 -5.48
CA LYS B 43 2.60 -19.56 -4.98
C LYS B 43 1.61 -18.48 -4.54
N GLY B 44 2.13 -17.41 -3.96
CA GLY B 44 1.31 -16.32 -3.51
C GLY B 44 0.99 -15.34 -4.61
N PRO B 45 0.13 -14.38 -4.31
CA PRO B 45 -0.30 -13.42 -5.32
C PRO B 45 0.81 -12.42 -5.66
N GLU B 46 0.71 -11.88 -6.87
CA GLU B 46 1.64 -10.88 -7.37
C GLU B 46 0.86 -9.78 -8.07
N TRP B 47 1.09 -8.54 -7.66
CA TRP B 47 0.43 -7.40 -8.27
C TRP B 47 1.00 -7.16 -9.66
N VAL B 48 0.10 -7.07 -10.65
CA VAL B 48 0.52 -6.96 -12.05
C VAL B 48 0.40 -5.52 -12.52
N SER B 49 -0.78 -4.93 -12.41
CA SER B 49 -0.99 -3.57 -12.88
C SER B 49 -2.19 -2.97 -12.19
N GLY B 50 -2.26 -1.65 -12.21
CA GLY B 50 -3.40 -0.93 -11.66
C GLY B 50 -3.71 0.27 -12.53
N ILE B 51 -4.91 0.82 -12.31
CA ILE B 51 -5.40 1.94 -13.11
C ILE B 51 -6.29 2.80 -12.24
N SER B 52 -6.16 4.12 -12.39
CA SER B 52 -7.00 5.04 -11.65
C SER B 52 -8.41 5.06 -12.24
N GLY B 53 -9.34 5.61 -11.45
CA GLY B 53 -10.75 5.52 -11.81
C GLY B 53 -11.06 6.08 -13.19
N SER B 54 -10.42 7.19 -13.55
CA SER B 54 -10.61 7.76 -14.87
C SER B 54 -9.80 7.03 -15.94
N GLY B 55 -8.78 6.28 -15.53
CA GLY B 55 -7.80 5.75 -16.45
C GLY B 55 -6.67 6.70 -16.77
N GLY B 56 -6.62 7.87 -16.12
CA GLY B 56 -5.59 8.84 -16.44
C GLY B 56 -4.20 8.38 -16.07
N HIS B 57 -4.07 7.54 -15.05
CA HIS B 57 -2.80 6.98 -14.62
C HIS B 57 -2.85 5.47 -14.70
N THR B 58 -1.83 4.87 -15.30
CA THR B 58 -1.67 3.43 -15.31
C THR B 58 -0.37 3.06 -14.61
N TYR B 59 -0.40 1.94 -13.90
CA TYR B 59 0.73 1.47 -13.11
C TYR B 59 1.00 0.02 -13.44
N TYR B 60 2.27 -0.36 -13.49
CA TYR B 60 2.66 -1.70 -13.86
C TYR B 60 3.78 -2.21 -12.96
N ALA B 61 3.82 -3.53 -12.79
CA ALA B 61 4.96 -4.18 -12.16
C ALA B 61 6.06 -4.38 -13.19
N ASP B 62 7.31 -4.37 -12.70
CA ASP B 62 8.46 -4.48 -13.60
C ASP B 62 8.41 -5.76 -14.42
N SER B 63 7.97 -6.86 -13.81
CA SER B 63 7.92 -8.15 -14.49
C SER B 63 6.99 -8.12 -15.70
N VAL B 64 6.15 -7.09 -15.78
CA VAL B 64 5.06 -7.07 -16.74
C VAL B 64 5.10 -5.83 -17.64
N LYS B 65 5.77 -4.77 -17.21
CA LYS B 65 5.91 -3.54 -18.00
C LYS B 65 6.42 -3.83 -19.40
N GLY B 66 5.84 -3.14 -20.40
CA GLY B 66 6.25 -3.30 -21.78
C GLY B 66 5.59 -4.44 -22.51
N ARG B 67 4.90 -5.34 -21.81
CA ARG B 67 4.19 -6.46 -22.44
C ARG B 67 2.69 -6.40 -22.21
N PHE B 68 2.24 -5.97 -21.03
CA PHE B 68 0.82 -5.91 -20.73
C PHE B 68 0.34 -4.46 -20.80
N THR B 69 -0.95 -4.30 -21.05
CA THR B 69 -1.59 -3.00 -21.08
C THR B 69 -2.86 -3.06 -20.25
N ILE B 70 -2.99 -2.16 -19.29
CA ILE B 70 -4.20 -2.03 -18.50
C ILE B 70 -5.03 -0.88 -19.08
N SER B 71 -6.32 -1.12 -19.25
CA SER B 71 -7.22 -0.10 -19.76
C SER B 71 -8.59 -0.35 -19.16
N ARG B 72 -9.52 0.56 -19.46
CA ARG B 72 -10.75 0.63 -18.70
C ARG B 72 -11.79 1.42 -19.49
N ASP B 73 -12.97 0.83 -19.68
CA ASP B 73 -14.10 1.46 -20.34
C ASP B 73 -15.16 1.71 -19.26
N ASN B 74 -15.29 2.98 -18.86
CA ASN B 74 -16.15 3.29 -17.73
C ASN B 74 -17.62 3.26 -18.09
N SER B 75 -17.97 3.54 -19.34
CA SER B 75 -19.36 3.42 -19.76
C SER B 75 -19.83 1.97 -19.74
N LYS B 76 -18.91 1.01 -19.83
CA LYS B 76 -19.23 -0.41 -19.77
C LYS B 76 -18.91 -1.04 -18.42
N ASN B 77 -18.33 -0.27 -17.49
CA ASN B 77 -17.94 -0.80 -16.17
C ASN B 77 -17.02 -2.01 -16.31
N THR B 78 -16.07 -1.92 -17.25
CA THR B 78 -15.24 -3.06 -17.59
C THR B 78 -13.76 -2.69 -17.47
N LEU B 79 -12.99 -3.56 -16.83
CA LEU B 79 -11.55 -3.45 -16.73
C LEU B 79 -10.91 -4.46 -17.67
N TYR B 80 -9.83 -4.06 -18.34
CA TYR B 80 -9.19 -4.88 -19.36
C TYR B 80 -7.72 -5.10 -19.04
N LEU B 81 -7.20 -6.21 -19.56
CA LEU B 81 -5.77 -6.51 -19.52
C LEU B 81 -5.38 -7.15 -20.83
N GLN B 82 -4.69 -6.41 -21.68
CA GLN B 82 -4.13 -6.96 -22.92
C GLN B 82 -2.73 -7.47 -22.62
N MET B 83 -2.58 -8.78 -22.55
CA MET B 83 -1.30 -9.43 -22.28
C MET B 83 -0.68 -9.84 -23.61
N ASN B 84 0.48 -9.30 -23.93
CA ASN B 84 1.18 -9.59 -25.17
C ASN B 84 2.52 -10.25 -24.89
N SER B 85 3.00 -11.00 -25.89
CA SER B 85 4.27 -11.73 -25.81
C SER B 85 4.35 -12.51 -24.50
N LEU B 86 3.37 -13.39 -24.31
CA LEU B 86 3.24 -14.11 -23.05
C LEU B 86 4.39 -15.09 -22.86
N LYS B 87 4.81 -15.25 -21.62
CA LYS B 87 5.86 -16.18 -21.23
C LYS B 87 5.27 -17.25 -20.33
N ALA B 88 6.04 -18.33 -20.15
CA ALA B 88 5.56 -19.45 -19.34
C ALA B 88 5.33 -19.04 -17.89
N GLU B 89 6.16 -18.13 -17.38
CA GLU B 89 6.03 -17.68 -15.99
C GLU B 89 4.81 -16.78 -15.78
N ASP B 90 4.16 -16.34 -16.84
CA ASP B 90 2.91 -15.61 -16.70
C ASP B 90 1.74 -16.51 -16.37
N THR B 91 1.95 -17.83 -16.38
CA THR B 91 0.87 -18.77 -16.09
C THR B 91 0.39 -18.60 -14.66
N ALA B 92 -0.90 -18.29 -14.51
CA ALA B 92 -1.47 -18.00 -13.19
C ALA B 92 -2.98 -17.83 -13.25
N VAL B 93 -3.59 -17.62 -12.08
CA VAL B 93 -4.96 -17.16 -11.98
C VAL B 93 -4.93 -15.65 -11.84
N TYR B 94 -5.62 -14.95 -12.74
CA TYR B 94 -5.61 -13.49 -12.75
C TYR B 94 -6.90 -12.97 -12.13
N TYR B 95 -6.76 -12.08 -11.15
CA TYR B 95 -7.89 -11.57 -10.38
C TYR B 95 -8.16 -10.11 -10.71
N CYS B 96 -9.44 -9.80 -10.84
CA CYS B 96 -9.91 -8.43 -10.69
C CYS B 96 -9.90 -8.05 -9.22
N ALA B 97 -9.42 -6.84 -8.92
CA ALA B 97 -9.35 -6.38 -7.53
C ALA B 97 -9.67 -4.90 -7.46
N LYS B 98 -10.59 -4.55 -6.56
CA LYS B 98 -11.02 -3.17 -6.37
C LYS B 98 -10.36 -2.60 -5.12
N ASP B 99 -9.89 -1.35 -5.22
CA ASP B 99 -9.40 -0.65 -4.05
C ASP B 99 -10.49 -0.61 -2.99
N GLY B 100 -10.15 -1.06 -1.77
CA GLY B 100 -11.13 -1.19 -0.72
C GLY B 100 -11.46 0.06 0.05
N PHE B 101 -10.64 1.10 -0.04
CA PHE B 101 -10.87 2.30 0.76
C PHE B 101 -12.04 3.11 0.21
N VAL B 102 -12.95 3.51 1.10
CA VAL B 102 -13.96 4.51 0.81
C VAL B 102 -13.94 5.52 1.95
N GLY B 103 -14.06 6.79 1.60
CA GLY B 103 -14.06 7.85 2.58
C GLY B 103 -13.27 9.03 2.06
N GLN B 104 -13.11 10.03 2.91
CA GLN B 104 -12.41 11.27 2.54
C GLN B 104 -11.22 11.44 3.48
N GLN B 105 -10.03 11.14 2.98
CA GLN B 105 -8.78 11.41 3.67
C GLN B 105 -7.85 12.11 2.70
N LEU B 106 -7.05 13.05 3.21
CA LEU B 106 -6.08 13.72 2.35
C LEU B 106 -4.95 12.76 1.96
N MET B 107 -4.49 11.96 2.90
CA MET B 107 -3.48 10.95 2.63
C MET B 107 -3.89 9.63 3.26
N ARG B 108 -3.34 8.55 2.75
CA ARG B 108 -3.63 7.21 3.22
C ARG B 108 -2.33 6.54 3.66
N ARG B 109 -2.37 5.90 4.82
CA ARG B 109 -1.22 5.12 5.29
C ARG B 109 -0.87 4.02 4.30
N GLY B 110 -1.87 3.28 3.86
CA GLY B 110 -1.71 2.32 2.79
C GLY B 110 -2.61 2.65 1.62
N PRO B 111 -2.04 3.34 0.62
CA PRO B 111 -2.87 3.84 -0.50
C PRO B 111 -3.33 2.75 -1.47
N TRP B 112 -2.84 1.52 -1.36
CA TRP B 112 -3.26 0.43 -2.23
C TRP B 112 -3.57 -0.80 -1.39
N TRP B 113 -4.86 -1.12 -1.26
CA TRP B 113 -5.27 -2.43 -0.75
C TRP B 113 -6.58 -2.80 -1.44
N PHE B 114 -6.91 -4.09 -1.35
CA PHE B 114 -7.89 -4.70 -2.25
C PHE B 114 -9.07 -5.26 -1.47
N ASP B 115 -10.28 -4.85 -1.87
CA ASP B 115 -11.54 -5.38 -1.35
C ASP B 115 -12.69 -4.98 -2.27
N PRO B 116 -13.35 -5.94 -2.93
CA PRO B 116 -13.01 -7.36 -2.87
C PRO B 116 -12.17 -7.80 -4.05
N TRP B 117 -11.95 -9.11 -4.17
CA TRP B 117 -11.36 -9.72 -5.34
C TRP B 117 -12.44 -10.44 -6.12
N GLY B 118 -12.23 -10.56 -7.43
CA GLY B 118 -13.06 -11.44 -8.23
C GLY B 118 -12.68 -12.88 -7.95
N GLN B 119 -13.37 -13.80 -8.62
CA GLN B 119 -13.02 -15.20 -8.41
C GLN B 119 -11.87 -15.64 -9.32
N GLY B 120 -11.51 -14.84 -10.32
CA GLY B 120 -10.30 -15.04 -11.11
C GLY B 120 -10.55 -15.81 -12.38
N THR B 121 -9.60 -15.66 -13.31
CA THR B 121 -9.62 -16.38 -14.58
C THR B 121 -8.22 -16.93 -14.84
N LEU B 122 -8.16 -18.19 -15.26
CA LEU B 122 -6.90 -18.91 -15.35
C LEU B 122 -6.26 -18.70 -16.72
N VAL B 123 -4.96 -18.43 -16.71
CA VAL B 123 -4.18 -18.23 -17.92
C VAL B 123 -3.06 -19.27 -17.92
N THR B 124 -3.00 -20.08 -18.97
CA THR B 124 -1.98 -21.12 -19.11
C THR B 124 -1.16 -20.84 -20.36
N VAL B 125 0.09 -20.44 -20.17
CA VAL B 125 1.05 -20.29 -21.26
C VAL B 125 1.88 -21.56 -21.32
N SER B 126 1.65 -22.37 -22.35
CA SER B 126 2.30 -23.67 -22.44
C SER B 126 2.54 -24.03 -23.91
N SER B 127 3.64 -24.75 -24.15
CA SER B 127 3.94 -25.26 -25.47
C SER B 127 3.23 -26.58 -25.75
N ALA B 128 2.57 -27.16 -24.74
CA ALA B 128 2.03 -28.51 -24.87
C ALA B 128 0.92 -28.56 -25.92
N SER B 129 1.02 -29.52 -26.82
CA SER B 129 -0.06 -29.88 -27.73
C SER B 129 -0.78 -31.11 -27.18
N THR B 130 -1.99 -31.33 -27.68
CA THR B 130 -2.78 -32.46 -27.23
C THR B 130 -2.05 -33.77 -27.53
N LYS B 131 -1.88 -34.60 -26.49
CA LYS B 131 -1.17 -35.86 -26.63
C LYS B 131 -1.84 -36.92 -25.75
N GLY B 132 -1.97 -38.12 -26.29
CA GLY B 132 -2.46 -39.25 -25.55
C GLY B 132 -1.40 -39.80 -24.62
N PRO B 133 -1.82 -40.53 -23.59
CA PRO B 133 -0.85 -41.07 -22.63
C PRO B 133 -0.19 -42.34 -23.11
N SER B 134 1.00 -42.58 -22.58
CA SER B 134 1.64 -43.89 -22.63
C SER B 134 1.36 -44.58 -21.30
N VAL B 135 0.81 -45.79 -21.37
CA VAL B 135 0.33 -46.51 -20.20
C VAL B 135 1.27 -47.67 -19.93
N PHE B 136 1.93 -47.64 -18.77
CA PHE B 136 2.87 -48.66 -18.38
C PHE B 136 2.39 -49.37 -17.11
N PRO B 137 2.63 -50.66 -16.99
CA PRO B 137 2.19 -51.40 -15.80
C PRO B 137 3.19 -51.29 -14.66
N LEU B 138 2.64 -51.25 -13.45
CA LEU B 138 3.42 -51.26 -12.22
C LEU B 138 3.24 -52.63 -11.56
N ALA B 139 4.22 -53.51 -11.75
CA ALA B 139 4.10 -54.89 -11.33
C ALA B 139 4.17 -55.02 -9.81
N PRO B 140 3.44 -55.99 -9.24
CA PRO B 140 3.24 -56.01 -7.78
C PRO B 140 4.45 -56.32 -6.92
N SER B 141 5.19 -57.39 -7.22
CA SER B 141 6.23 -57.88 -6.30
C SER B 141 7.30 -56.84 -5.99
N SER B 146 4.58 -56.23 1.99
CA SER B 146 3.98 -55.27 2.91
C SER B 146 2.75 -55.88 3.59
N GLY B 147 3.01 -56.74 4.57
CA GLY B 147 1.90 -57.45 5.18
C GLY B 147 1.42 -58.56 4.28
N GLY B 148 0.11 -58.74 4.21
CA GLY B 148 -0.47 -59.75 3.34
C GLY B 148 -1.00 -59.13 2.08
N THR B 149 -0.60 -57.90 1.78
CA THR B 149 -1.11 -57.16 0.65
C THR B 149 -0.04 -56.92 -0.40
N ALA B 150 -0.48 -56.73 -1.64
CA ALA B 150 0.37 -56.34 -2.75
C ALA B 150 -0.16 -55.06 -3.37
N ALA B 151 0.76 -54.28 -3.95
CA ALA B 151 0.42 -53.01 -4.60
C ALA B 151 0.82 -53.10 -6.07
N LEU B 152 -0.17 -52.98 -6.94
CA LEU B 152 0.04 -52.98 -8.38
C LEU B 152 -0.71 -51.80 -8.98
N GLY B 153 -0.27 -51.35 -10.15
CA GLY B 153 -0.91 -50.18 -10.69
C GLY B 153 -0.55 -49.90 -12.12
N CYS B 154 -1.02 -48.75 -12.59
CA CYS B 154 -0.78 -48.27 -13.94
C CYS B 154 -0.18 -46.89 -13.89
N LEU B 155 0.74 -46.63 -14.81
CA LEU B 155 1.40 -45.34 -14.95
C LEU B 155 0.91 -44.70 -16.24
N VAL B 156 0.20 -43.59 -16.10
CA VAL B 156 -0.40 -42.86 -17.21
C VAL B 156 0.50 -41.66 -17.48
N LYS B 157 1.35 -41.76 -18.50
CA LYS B 157 2.51 -40.89 -18.63
C LYS B 157 2.43 -40.00 -19.87
N ASP B 158 2.79 -38.73 -19.69
CA ASP B 158 3.04 -37.77 -20.76
C ASP B 158 1.80 -37.57 -21.64
N TYR B 159 0.78 -37.00 -21.01
CA TYR B 159 -0.47 -36.68 -21.69
C TYR B 159 -0.84 -35.23 -21.43
N PHE B 160 -1.60 -34.65 -22.36
CA PHE B 160 -2.04 -33.28 -22.27
C PHE B 160 -3.28 -33.09 -23.14
N PRO B 161 -4.30 -32.36 -22.67
CA PRO B 161 -4.38 -31.80 -21.32
C PRO B 161 -5.10 -32.74 -20.37
N GLU B 162 -5.37 -32.26 -19.16
CA GLU B 162 -6.22 -33.01 -18.25
C GLU B 162 -7.66 -33.00 -18.76
N PRO B 163 -8.48 -33.96 -18.31
CA PRO B 163 -8.21 -35.05 -17.38
C PRO B 163 -8.00 -36.40 -18.06
N VAL B 164 -7.67 -37.41 -17.27
CA VAL B 164 -7.84 -38.80 -17.67
C VAL B 164 -8.73 -39.47 -16.64
N THR B 165 -9.22 -40.65 -16.99
CA THR B 165 -10.01 -41.45 -16.06
C THR B 165 -9.48 -42.88 -16.06
N VAL B 166 -9.41 -43.47 -14.87
CA VAL B 166 -8.85 -44.80 -14.68
C VAL B 166 -9.87 -45.65 -13.96
N SER B 167 -10.16 -46.83 -14.52
CA SER B 167 -10.98 -47.84 -13.87
C SER B 167 -10.21 -49.15 -13.88
N TRP B 168 -10.64 -50.07 -13.04
CA TRP B 168 -10.00 -51.38 -12.91
C TRP B 168 -11.03 -52.46 -13.17
N ASN B 169 -10.70 -53.37 -14.09
CA ASN B 169 -11.58 -54.47 -14.49
C ASN B 169 -12.97 -53.96 -14.87
N SER B 170 -12.99 -52.87 -15.64
CA SER B 170 -14.22 -52.26 -16.15
C SER B 170 -15.20 -51.94 -15.01
N GLY B 171 -14.66 -51.33 -13.96
CA GLY B 171 -15.45 -50.91 -12.82
C GLY B 171 -15.80 -52.00 -11.84
N ALA B 172 -15.46 -53.26 -12.13
CA ALA B 172 -15.75 -54.33 -11.17
C ALA B 172 -14.89 -54.22 -9.92
N LEU B 173 -13.70 -53.63 -10.04
CA LEU B 173 -12.77 -53.47 -8.92
C LEU B 173 -12.78 -52.00 -8.51
N THR B 174 -13.30 -51.72 -7.31
CA THR B 174 -13.34 -50.35 -6.79
C THR B 174 -12.69 -50.28 -5.42
N SER B 175 -12.73 -51.37 -4.66
CA SER B 175 -12.20 -51.38 -3.31
C SER B 175 -10.67 -51.46 -3.34
N GLY B 176 -10.03 -50.65 -2.50
CA GLY B 176 -8.59 -50.58 -2.47
C GLY B 176 -7.97 -49.82 -3.62
N VAL B 177 -8.76 -49.08 -4.38
CA VAL B 177 -8.28 -48.34 -5.54
C VAL B 177 -7.91 -46.93 -5.09
N HIS B 178 -6.74 -46.46 -5.52
CA HIS B 178 -6.29 -45.10 -5.21
C HIS B 178 -5.70 -44.49 -6.47
N THR B 179 -6.43 -43.58 -7.10
CA THR B 179 -5.97 -42.84 -8.27
C THR B 179 -5.40 -41.51 -7.78
N PHE B 180 -4.09 -41.31 -7.95
CA PHE B 180 -3.44 -40.13 -7.44
C PHE B 180 -3.57 -38.97 -8.41
N PRO B 181 -3.67 -37.73 -7.90
CA PRO B 181 -3.69 -36.57 -8.79
C PRO B 181 -2.40 -36.45 -9.58
N ALA B 182 -2.51 -35.86 -10.77
CA ALA B 182 -1.41 -35.83 -11.72
C ALA B 182 -0.34 -34.82 -11.31
N VAL B 183 0.85 -35.01 -11.87
CA VAL B 183 1.96 -34.07 -11.75
C VAL B 183 2.13 -33.39 -13.09
N LEU B 184 2.58 -32.13 -13.06
CA LEU B 184 2.85 -31.37 -14.27
C LEU B 184 4.35 -31.24 -14.44
N GLN B 185 4.88 -31.78 -15.53
CA GLN B 185 6.32 -31.88 -15.73
C GLN B 185 6.88 -30.62 -16.40
N SER B 186 8.21 -30.61 -16.54
CA SER B 186 8.88 -29.54 -17.27
C SER B 186 8.30 -29.38 -18.66
N SER B 187 7.94 -30.49 -19.31
CA SER B 187 7.46 -30.44 -20.69
C SER B 187 6.07 -29.84 -20.82
N GLY B 188 5.33 -29.74 -19.73
CA GLY B 188 3.93 -29.35 -19.79
C GLY B 188 2.97 -30.51 -19.91
N LEU B 189 3.47 -31.75 -19.95
CA LEU B 189 2.63 -32.92 -19.99
C LEU B 189 2.37 -33.44 -18.59
N TYR B 190 1.23 -34.11 -18.42
CA TYR B 190 0.84 -34.66 -17.14
C TYR B 190 1.15 -36.14 -17.05
N SER B 191 1.42 -36.59 -15.84
CA SER B 191 1.58 -38.01 -15.52
C SER B 191 0.80 -38.31 -14.25
N LEU B 192 0.15 -39.48 -14.21
CA LEU B 192 -0.45 -39.94 -12.97
C LEU B 192 -0.29 -41.44 -12.87
N SER B 193 -0.49 -41.93 -11.66
CA SER B 193 -0.52 -43.36 -11.38
C SER B 193 -1.82 -43.68 -10.65
N SER B 194 -2.31 -44.90 -10.87
CA SER B 194 -3.39 -45.45 -10.06
C SER B 194 -2.93 -46.81 -9.56
N VAL B 195 -3.14 -47.06 -8.28
CA VAL B 195 -2.64 -48.26 -7.61
C VAL B 195 -3.81 -48.94 -6.92
N VAL B 196 -3.86 -50.27 -7.01
CA VAL B 196 -4.82 -51.07 -6.24
C VAL B 196 -4.03 -51.91 -5.26
N THR B 197 -4.51 -51.95 -4.02
CA THR B 197 -3.93 -52.81 -2.99
C THR B 197 -4.81 -54.06 -2.91
N VAL B 198 -4.20 -55.21 -3.16
CA VAL B 198 -4.93 -56.47 -3.26
C VAL B 198 -4.29 -57.46 -2.30
N PRO B 199 -5.00 -58.52 -1.93
CA PRO B 199 -4.35 -59.62 -1.22
C PRO B 199 -3.36 -60.31 -2.14
N SER B 200 -2.18 -60.63 -1.60
CA SER B 200 -1.24 -61.43 -2.37
C SER B 200 -1.79 -62.82 -2.67
N SER B 201 -2.74 -63.29 -1.85
CA SER B 201 -3.42 -64.55 -2.13
C SER B 201 -3.99 -64.55 -3.54
N SER B 202 -4.52 -63.42 -3.99
CA SER B 202 -5.28 -63.33 -5.23
C SER B 202 -4.43 -63.08 -6.47
N LEU B 203 -3.11 -62.98 -6.31
CA LEU B 203 -2.26 -62.65 -7.45
C LEU B 203 -2.30 -63.74 -8.50
N GLY B 204 -2.40 -65.00 -8.08
CA GLY B 204 -2.43 -66.11 -9.01
C GLY B 204 -3.80 -66.54 -9.46
N THR B 205 -4.87 -65.97 -8.90
CA THR B 205 -6.23 -66.41 -9.24
C THR B 205 -7.14 -65.30 -9.74
N GLN B 206 -6.69 -64.05 -9.76
CA GLN B 206 -7.49 -62.96 -10.30
C GLN B 206 -6.64 -62.06 -11.19
N THR B 207 -7.22 -61.70 -12.32
CA THR B 207 -6.56 -60.85 -13.30
C THR B 207 -6.86 -59.39 -13.01
N TYR B 208 -5.88 -58.52 -13.27
CA TYR B 208 -6.03 -57.08 -13.04
C TYR B 208 -5.69 -56.33 -14.32
N ILE B 209 -6.67 -55.58 -14.83
CA ILE B 209 -6.49 -54.72 -15.99
C ILE B 209 -6.97 -53.33 -15.62
N CYS B 210 -6.13 -52.33 -15.87
CA CYS B 210 -6.52 -50.96 -15.70
C CYS B 210 -7.05 -50.42 -17.01
N ASN B 211 -8.09 -49.60 -16.93
CA ASN B 211 -8.73 -49.01 -18.10
C ASN B 211 -8.48 -47.51 -18.06
N VAL B 212 -7.62 -47.03 -18.97
CA VAL B 212 -7.24 -45.63 -19.03
C VAL B 212 -7.92 -45.00 -20.23
N ASN B 213 -8.61 -43.88 -20.01
CA ASN B 213 -9.36 -43.20 -21.05
C ASN B 213 -9.04 -41.72 -20.99
N HIS B 214 -8.51 -41.18 -22.08
CA HIS B 214 -8.16 -39.77 -22.22
C HIS B 214 -8.99 -39.21 -23.37
N LYS B 215 -10.13 -38.63 -23.03
CA LYS B 215 -11.07 -38.17 -24.05
C LYS B 215 -10.51 -37.08 -24.98
N PRO B 216 -9.70 -36.12 -24.52
CA PRO B 216 -9.20 -35.10 -25.47
C PRO B 216 -8.54 -35.64 -26.72
N SER B 217 -7.77 -36.72 -26.61
CA SER B 217 -7.12 -37.35 -27.76
C SER B 217 -7.85 -38.60 -28.25
N ASN B 218 -9.01 -38.90 -27.67
CA ASN B 218 -9.74 -40.15 -27.92
C ASN B 218 -8.79 -41.34 -27.82
N THR B 219 -8.24 -41.53 -26.62
CA THR B 219 -7.32 -42.61 -26.34
C THR B 219 -7.94 -43.51 -25.27
N LYS B 220 -8.08 -44.79 -25.58
CA LYS B 220 -8.53 -45.80 -24.64
C LYS B 220 -7.52 -46.93 -24.65
N VAL B 221 -6.83 -47.11 -23.52
CA VAL B 221 -5.81 -48.16 -23.39
C VAL B 221 -6.20 -49.06 -22.22
N ASP B 222 -6.16 -50.36 -22.45
CA ASP B 222 -6.30 -51.36 -21.41
C ASP B 222 -4.96 -52.05 -21.22
N LYS B 223 -4.49 -52.13 -19.97
CA LYS B 223 -3.19 -52.70 -19.67
C LYS B 223 -3.36 -53.76 -18.59
N LYS B 224 -3.04 -55.00 -18.94
CA LYS B 224 -2.99 -56.09 -17.97
C LYS B 224 -1.73 -55.93 -17.12
N VAL B 225 -1.91 -55.90 -15.79
CA VAL B 225 -0.81 -55.81 -14.86
C VAL B 225 -0.60 -57.18 -14.25
N GLU B 226 0.52 -57.81 -14.61
CA GLU B 226 0.83 -59.17 -14.20
C GLU B 226 2.07 -59.19 -13.31
N PRO B 227 2.20 -60.20 -12.46
CA PRO B 227 3.43 -60.32 -11.67
C PRO B 227 4.62 -60.61 -12.56
N LYS B 228 5.70 -59.90 -12.30
CA LYS B 228 6.96 -60.11 -13.00
C LYS B 228 7.57 -61.44 -12.60
N SER B 229 8.44 -61.95 -13.46
CA SER B 229 9.21 -63.16 -13.20
C SER B 229 10.69 -62.79 -13.06
N CYS B 230 11.17 -62.80 -11.82
CA CYS B 230 12.55 -62.43 -11.53
C CYS B 230 13.44 -63.66 -11.49
N SER C 1 10.42 -4.43 -5.29
CA SER C 1 11.81 -4.51 -4.84
C SER C 1 11.90 -4.58 -3.32
N TYR C 2 11.04 -3.84 -2.63
CA TYR C 2 10.91 -4.02 -1.19
C TYR C 2 10.43 -5.42 -0.89
N VAL C 3 10.97 -6.01 0.17
CA VAL C 3 10.79 -7.44 0.45
C VAL C 3 9.98 -7.59 1.74
N LEU C 4 8.92 -8.39 1.66
CA LEU C 4 8.15 -8.82 2.82
C LEU C 4 8.41 -10.29 3.06
N THR C 5 8.72 -10.65 4.31
CA THR C 5 9.10 -12.01 4.67
C THR C 5 8.11 -12.56 5.68
N GLN C 6 7.59 -13.76 5.42
CA GLN C 6 6.62 -14.43 6.25
C GLN C 6 7.09 -15.83 6.61
N PRO C 7 6.74 -16.32 7.79
CA PRO C 7 7.00 -17.73 8.12
C PRO C 7 6.12 -18.63 7.27
N PRO C 8 6.69 -19.72 6.72
CA PRO C 8 5.90 -20.56 5.81
C PRO C 8 4.78 -21.32 6.48
N SER C 9 4.90 -21.71 7.75
CA SER C 9 3.93 -22.57 8.39
C SER C 9 3.66 -22.12 9.82
N VAL C 10 2.40 -22.21 10.24
CA VAL C 10 1.99 -21.94 11.60
C VAL C 10 0.85 -22.89 11.94
N SER C 11 0.90 -23.49 13.13
CA SER C 11 -0.05 -24.51 13.57
C SER C 11 -0.63 -24.14 14.92
N VAL C 12 -1.94 -24.35 15.08
CA VAL C 12 -2.59 -24.32 16.39
C VAL C 12 -3.65 -25.42 16.40
N ALA C 13 -4.27 -25.61 17.55
CA ALA C 13 -5.41 -26.51 17.69
C ALA C 13 -6.69 -25.69 17.70
N PRO C 14 -7.86 -26.33 17.55
CA PRO C 14 -9.11 -25.56 17.53
C PRO C 14 -9.26 -24.69 18.77
N GLY C 15 -9.48 -23.39 18.56
CA GLY C 15 -9.73 -22.43 19.61
C GLY C 15 -8.52 -22.04 20.44
N GLN C 16 -7.39 -21.72 19.80
CA GLN C 16 -6.11 -21.69 20.50
C GLN C 16 -5.39 -20.35 20.50
N THR C 17 -5.70 -19.44 19.57
CA THR C 17 -5.04 -18.14 19.37
C THR C 17 -3.70 -18.30 18.65
N ALA C 18 -3.62 -17.77 17.42
CA ALA C 18 -2.46 -17.89 16.54
C ALA C 18 -1.90 -16.51 16.25
N ARG C 19 -0.64 -16.48 15.80
CA ARG C 19 0.07 -15.23 15.54
C ARG C 19 0.92 -15.39 14.28
N ILE C 20 0.63 -14.57 13.27
CA ILE C 20 1.30 -14.63 11.98
C ILE C 20 2.12 -13.36 11.79
N SER C 21 3.30 -13.51 11.21
CA SER C 21 4.31 -12.46 11.15
C SER C 21 4.51 -11.98 9.72
N CYS C 22 4.68 -10.66 9.55
CA CYS C 22 5.09 -10.07 8.28
C CYS C 22 6.31 -9.18 8.55
N GLY C 23 7.48 -9.62 8.09
CA GLY C 23 8.72 -8.90 8.36
C GLY C 23 9.18 -8.13 7.13
N GLY C 24 9.56 -6.88 7.36
CA GLY C 24 10.22 -6.09 6.33
C GLY C 24 11.08 -5.05 7.01
N ASN C 25 12.10 -4.59 6.31
CA ASN C 25 13.00 -3.60 6.88
C ASN C 25 12.24 -2.31 7.17
N ASN C 26 12.22 -1.91 8.44
CA ASN C 26 11.50 -0.72 8.88
C ASN C 26 10.05 -0.75 8.41
N ILE C 27 9.40 -1.90 8.61
CA ILE C 27 8.03 -2.07 8.15
C ILE C 27 7.05 -1.16 8.88
N GLY C 28 7.46 -0.57 10.01
CA GLY C 28 6.63 0.45 10.66
C GLY C 28 6.49 1.71 9.83
N ASN C 29 7.35 1.91 8.85
CA ASN C 29 7.26 3.01 7.89
C ASN C 29 6.27 2.73 6.77
N LYS C 30 5.50 1.65 6.86
CA LYS C 30 4.56 1.28 5.82
C LYS C 30 3.26 0.82 6.45
N GLY C 31 2.16 1.01 5.72
CA GLY C 31 0.87 0.49 6.13
C GLY C 31 0.69 -0.92 5.63
N VAL C 32 0.38 -1.83 6.55
CA VAL C 32 0.31 -3.25 6.27
C VAL C 32 -1.15 -3.68 6.18
N HIS C 33 -1.46 -4.53 5.19
CA HIS C 33 -2.77 -5.13 5.06
C HIS C 33 -2.63 -6.64 5.04
N TRP C 34 -3.68 -7.34 5.45
CA TRP C 34 -3.67 -8.78 5.55
C TRP C 34 -4.85 -9.37 4.79
N TYR C 35 -4.58 -10.45 4.06
CA TYR C 35 -5.62 -11.18 3.34
C TYR C 35 -5.63 -12.63 3.79
N GLN C 36 -6.83 -13.21 3.78
CA GLN C 36 -7.04 -14.62 4.11
C GLN C 36 -7.52 -15.33 2.85
N GLN C 37 -6.93 -16.49 2.54
CA GLN C 37 -7.30 -17.25 1.35
C GLN C 37 -7.58 -18.70 1.73
N LYS C 38 -8.85 -19.04 1.78
CA LYS C 38 -9.28 -20.42 1.96
C LYS C 38 -9.13 -21.19 0.66
N PRO C 39 -9.02 -22.51 0.72
CA PRO C 39 -8.72 -23.29 -0.50
C PRO C 39 -9.81 -23.16 -1.54
N GLY C 40 -9.40 -22.92 -2.79
CA GLY C 40 -10.32 -22.82 -3.89
C GLY C 40 -11.09 -21.53 -3.97
N GLN C 41 -10.72 -20.52 -3.18
CA GLN C 41 -11.41 -19.25 -3.16
C GLN C 41 -10.44 -18.11 -3.42
N ALA C 42 -10.99 -16.93 -3.66
CA ALA C 42 -10.20 -15.73 -3.78
C ALA C 42 -9.81 -15.21 -2.40
N PRO C 43 -8.71 -14.47 -2.31
CA PRO C 43 -8.34 -13.87 -1.01
C PRO C 43 -9.39 -12.88 -0.54
N VAL C 44 -9.37 -12.63 0.77
CA VAL C 44 -10.31 -11.73 1.42
C VAL C 44 -9.53 -10.89 2.41
N VAL C 45 -9.75 -9.58 2.41
CA VAL C 45 -9.06 -8.72 3.36
C VAL C 45 -9.64 -8.93 4.74
N VAL C 46 -8.76 -9.09 5.72
CA VAL C 46 -9.17 -9.19 7.12
C VAL C 46 -8.60 -8.07 7.98
N VAL C 47 -7.51 -7.42 7.56
CA VAL C 47 -6.95 -6.27 8.24
C VAL C 47 -6.43 -5.32 7.17
N TYR C 48 -6.67 -4.02 7.36
CA TYR C 48 -6.09 -3.01 6.48
C TYR C 48 -5.54 -1.87 7.33
N ASP C 49 -4.56 -1.16 6.75
CA ASP C 49 -3.91 -0.03 7.41
C ASP C 49 -3.40 -0.41 8.80
N ASP C 50 -2.63 -1.50 8.84
CA ASP C 50 -2.00 -2.04 10.05
C ASP C 50 -3.01 -2.67 11.01
N SER C 51 -3.97 -1.89 11.50
CA SER C 51 -4.84 -2.34 12.58
C SER C 51 -6.33 -2.21 12.31
N ASP C 52 -6.74 -1.49 11.27
CA ASP C 52 -8.15 -1.27 11.03
C ASP C 52 -8.84 -2.56 10.58
N ARG C 53 -10.10 -2.70 10.98
CA ARG C 53 -10.86 -3.92 10.71
C ARG C 53 -11.99 -3.63 9.75
N PRO C 54 -12.08 -4.34 8.62
CA PRO C 54 -13.21 -4.13 7.71
C PRO C 54 -14.49 -4.70 8.31
N SER C 55 -15.60 -4.02 8.04
CA SER C 55 -16.88 -4.48 8.53
C SER C 55 -17.25 -5.82 7.91
N GLY C 56 -17.74 -6.73 8.74
CA GLY C 56 -17.98 -8.10 8.33
C GLY C 56 -16.91 -9.09 8.74
N ILE C 57 -15.84 -8.62 9.36
CA ILE C 57 -14.72 -9.45 9.79
C ILE C 57 -14.78 -9.58 11.31
N PRO C 58 -14.79 -10.79 11.87
CA PRO C 58 -14.89 -10.94 13.32
C PRO C 58 -13.76 -10.25 14.05
N GLU C 59 -14.06 -9.73 15.24
CA GLU C 59 -13.10 -8.92 15.99
C GLU C 59 -11.89 -9.73 16.43
N ARG C 60 -11.96 -11.06 16.42
CA ARG C 60 -10.81 -11.85 16.86
C ARG C 60 -9.61 -11.68 15.95
N PHE C 61 -9.81 -11.32 14.68
CA PHE C 61 -8.70 -11.00 13.79
C PHE C 61 -8.22 -9.58 14.10
N SER C 62 -6.98 -9.46 14.57
CA SER C 62 -6.42 -8.17 14.96
C SER C 62 -5.05 -7.99 14.32
N GLY C 63 -4.75 -6.75 13.97
CA GLY C 63 -3.49 -6.43 13.34
C GLY C 63 -2.74 -5.34 14.08
N SER C 64 -1.42 -5.38 13.97
CA SER C 64 -0.56 -4.40 14.61
C SER C 64 0.71 -4.27 13.78
N ASN C 65 1.37 -3.11 13.92
CA ASN C 65 2.59 -2.84 13.18
C ASN C 65 3.55 -2.02 14.04
N SER C 66 4.80 -2.46 14.09
CA SER C 66 5.82 -1.82 14.90
C SER C 66 7.19 -2.27 14.42
N GLY C 67 8.15 -1.34 14.44
CA GLY C 67 9.54 -1.64 14.16
C GLY C 67 9.81 -2.34 12.85
N ASN C 68 10.11 -3.64 12.92
CA ASN C 68 10.48 -4.43 11.75
C ASN C 68 9.54 -5.59 11.49
N THR C 69 8.42 -5.69 12.21
CA THR C 69 7.52 -6.81 12.04
C THR C 69 6.09 -6.39 12.33
N ALA C 70 5.20 -6.69 11.40
CA ALA C 70 3.76 -6.59 11.62
C ALA C 70 3.23 -7.98 11.98
N THR C 71 2.17 -8.01 12.79
CA THR C 71 1.63 -9.26 13.29
C THR C 71 0.12 -9.28 13.15
N LEU C 72 -0.41 -10.37 12.60
CA LEU C 72 -1.85 -10.63 12.54
C LEU C 72 -2.12 -11.80 13.49
N THR C 73 -2.67 -11.49 14.66
CA THR C 73 -3.02 -12.49 15.64
C THR C 73 -4.51 -12.78 15.57
N ILE C 74 -4.86 -14.06 15.55
CA ILE C 74 -6.25 -14.51 15.51
C ILE C 74 -6.51 -15.32 16.77
N SER C 75 -7.52 -14.93 17.54
CA SER C 75 -7.94 -15.64 18.74
C SER C 75 -9.16 -16.51 18.43
N ARG C 76 -9.44 -17.43 19.35
CA ARG C 76 -10.57 -18.37 19.21
C ARG C 76 -10.57 -19.04 17.84
N VAL C 77 -9.40 -19.56 17.47
CA VAL C 77 -9.18 -20.09 16.13
C VAL C 77 -10.09 -21.28 15.87
N GLU C 78 -10.55 -21.43 14.63
CA GLU C 78 -11.55 -22.43 14.29
C GLU C 78 -11.22 -23.11 12.97
N ALA C 79 -11.77 -24.31 12.80
CA ALA C 79 -11.52 -25.12 11.61
C ALA C 79 -11.79 -24.37 10.31
N GLY C 80 -12.65 -23.35 10.37
CA GLY C 80 -12.85 -22.49 9.22
C GLY C 80 -11.68 -21.58 8.94
N ASP C 81 -10.85 -21.31 9.94
CA ASP C 81 -9.72 -20.38 9.80
C ASP C 81 -8.50 -21.02 9.14
N GLU C 82 -8.57 -22.27 8.68
CA GLU C 82 -7.43 -22.91 8.02
C GLU C 82 -7.33 -22.36 6.60
N ALA C 83 -6.34 -21.50 6.37
CA ALA C 83 -6.22 -20.79 5.10
C ALA C 83 -4.80 -20.24 4.99
N ASP C 84 -4.49 -19.72 3.82
CA ASP C 84 -3.23 -19.03 3.59
C ASP C 84 -3.40 -17.55 3.89
N TYR C 85 -2.43 -16.98 4.62
CA TYR C 85 -2.49 -15.58 5.02
C TYR C 85 -1.33 -14.83 4.38
N TYR C 86 -1.65 -13.72 3.71
CA TYR C 86 -0.66 -12.90 3.02
C TYR C 86 -0.75 -11.47 3.54
N CYS C 87 0.41 -10.88 3.79
CA CYS C 87 0.54 -9.47 4.09
C CYS C 87 0.94 -8.70 2.83
N GLN C 88 0.68 -7.39 2.85
CA GLN C 88 0.82 -6.61 1.63
C GLN C 88 1.02 -5.14 1.99
N VAL C 89 1.93 -4.49 1.27
CA VAL C 89 2.22 -3.06 1.45
C VAL C 89 2.37 -2.40 0.09
N TRP C 90 2.54 -1.08 0.12
CA TRP C 90 2.90 -0.29 -1.06
C TRP C 90 4.35 0.15 -0.91
N ASP C 91 5.16 -0.15 -1.91
CA ASP C 91 6.56 0.25 -1.93
C ASP C 91 6.66 1.56 -2.71
N SER C 92 6.88 2.66 -2.00
CA SER C 92 6.99 3.96 -2.66
C SER C 92 8.37 4.24 -3.21
N SER C 93 9.33 3.35 -3.02
CA SER C 93 10.62 3.46 -3.70
C SER C 93 10.58 2.84 -5.09
N SER C 94 9.59 2.01 -5.37
CA SER C 94 9.40 1.42 -6.70
C SER C 94 8.00 1.66 -7.26
N ASP C 95 7.09 2.25 -6.50
CA ASP C 95 5.67 2.35 -6.86
C ASP C 95 5.13 0.98 -7.27
N HIS C 96 5.32 0.01 -6.38
CA HIS C 96 4.89 -1.36 -6.56
C HIS C 96 4.04 -1.78 -5.36
N VAL C 97 3.07 -2.63 -5.61
CA VAL C 97 2.40 -3.37 -4.55
C VAL C 97 3.18 -4.65 -4.31
N VAL C 98 3.56 -4.89 -3.05
CA VAL C 98 4.39 -6.03 -2.69
C VAL C 98 3.59 -6.94 -1.77
N PHE C 99 3.67 -8.24 -2.03
CA PHE C 99 3.05 -9.27 -1.22
C PHE C 99 4.10 -10.08 -0.48
N GLY C 100 3.70 -10.68 0.64
CA GLY C 100 4.53 -11.67 1.29
C GLY C 100 4.35 -13.04 0.67
N GLY C 101 5.26 -13.96 1.04
CA GLY C 101 5.21 -15.30 0.53
C GLY C 101 4.03 -16.12 1.01
N GLY C 102 3.46 -15.75 2.15
CA GLY C 102 2.29 -16.45 2.65
C GLY C 102 2.62 -17.36 3.82
N THR C 103 1.65 -17.50 4.72
CA THR C 103 1.78 -18.35 5.89
C THR C 103 0.62 -19.33 5.91
N LYS C 104 0.94 -20.63 5.82
CA LYS C 104 -0.07 -21.66 5.97
C LYS C 104 -0.44 -21.79 7.45
N LEU C 105 -1.69 -21.44 7.78
CA LEU C 105 -2.19 -21.62 9.13
C LEU C 105 -2.91 -22.95 9.20
N THR C 106 -2.43 -23.84 10.05
CA THR C 106 -2.98 -25.17 10.19
C THR C 106 -3.56 -25.27 11.59
N VAL C 107 -4.83 -25.69 11.72
CA VAL C 107 -5.38 -26.15 13.00
C VAL C 107 -5.83 -27.59 12.86
N LEU C 108 -5.36 -28.42 13.78
CA LEU C 108 -5.30 -29.85 13.59
C LEU C 108 -6.54 -30.47 14.19
N GLY C 109 -7.47 -30.89 13.33
CA GLY C 109 -8.65 -31.61 13.76
C GLY C 109 -8.45 -33.11 13.66
N GLN C 110 -7.25 -33.57 14.00
CA GLN C 110 -6.85 -34.95 13.82
C GLN C 110 -5.51 -35.20 14.50
N PRO C 111 -5.30 -36.36 15.09
CA PRO C 111 -3.96 -36.74 15.54
C PRO C 111 -3.05 -36.96 14.34
N LYS C 112 -1.75 -36.85 14.59
CA LYS C 112 -0.76 -37.04 13.55
C LYS C 112 -0.79 -38.46 13.01
N ALA C 113 -0.74 -38.60 11.68
CA ALA C 113 -0.78 -39.89 11.02
C ALA C 113 0.36 -39.96 10.01
N ASN C 114 1.24 -40.95 10.18
CA ASN C 114 2.39 -41.10 9.31
C ASN C 114 1.99 -41.66 7.96
N PRO C 115 2.67 -41.25 6.89
CA PRO C 115 2.29 -41.71 5.55
C PRO C 115 2.75 -43.12 5.26
N THR C 116 1.99 -43.80 4.41
CA THR C 116 2.37 -45.06 3.82
C THR C 116 3.00 -44.79 2.46
N VAL C 117 4.16 -45.40 2.20
CA VAL C 117 4.96 -45.10 1.02
C VAL C 117 5.14 -46.39 0.21
N THR C 118 4.91 -46.30 -1.10
CA THR C 118 5.18 -47.39 -2.03
C THR C 118 6.02 -46.86 -3.17
N LEU C 119 7.11 -47.56 -3.47
CA LEU C 119 8.06 -47.16 -4.50
C LEU C 119 8.02 -48.17 -5.65
N PHE C 120 7.80 -47.68 -6.87
CA PHE C 120 7.75 -48.52 -8.05
C PHE C 120 8.94 -48.23 -8.95
N PRO C 121 9.69 -49.25 -9.35
CA PRO C 121 10.79 -49.04 -10.30
C PRO C 121 10.26 -48.86 -11.70
N PRO C 122 11.12 -48.54 -12.67
CA PRO C 122 10.65 -48.48 -14.07
C PRO C 122 10.28 -49.86 -14.56
N SER C 123 9.17 -49.92 -15.30
CA SER C 123 8.73 -51.17 -15.89
C SER C 123 9.58 -51.52 -17.11
N SER C 124 9.46 -52.77 -17.57
CA SER C 124 10.24 -53.20 -18.71
C SER C 124 9.75 -52.59 -20.01
N GLU C 125 8.43 -52.37 -20.14
CA GLU C 125 7.90 -51.71 -21.32
C GLU C 125 8.47 -50.31 -21.47
N GLU C 126 8.45 -49.53 -20.38
CA GLU C 126 9.02 -48.19 -20.43
C GLU C 126 10.51 -48.24 -20.72
N LEU C 127 11.22 -49.22 -20.14
CA LEU C 127 12.64 -49.34 -20.40
C LEU C 127 12.92 -49.67 -21.85
N GLN C 128 12.07 -50.49 -22.48
CA GLN C 128 12.24 -50.82 -23.88
C GLN C 128 11.96 -49.63 -24.78
N ALA C 129 11.18 -48.65 -24.28
CA ALA C 129 11.00 -47.37 -24.94
C ALA C 129 12.11 -46.38 -24.59
N ASN C 130 13.22 -46.86 -24.01
CA ASN C 130 14.38 -46.05 -23.68
C ASN C 130 14.01 -44.93 -22.70
N LYS C 131 13.14 -45.22 -21.76
CA LYS C 131 12.77 -44.28 -20.71
C LYS C 131 12.70 -45.01 -19.38
N ALA C 132 12.79 -44.25 -18.30
CA ALA C 132 12.78 -44.81 -16.96
C ALA C 132 12.17 -43.79 -16.00
N THR C 133 11.15 -44.21 -15.25
CA THR C 133 10.48 -43.34 -14.29
C THR C 133 10.25 -44.08 -12.99
N LEU C 134 10.73 -43.49 -11.89
CA LEU C 134 10.52 -44.02 -10.56
C LEU C 134 9.28 -43.36 -9.96
N VAL C 135 8.38 -44.18 -9.40
CA VAL C 135 7.08 -43.71 -8.93
C VAL C 135 7.01 -43.93 -7.42
N CYS C 136 6.97 -42.83 -6.67
CA CYS C 136 6.87 -42.87 -5.22
C CYS C 136 5.50 -42.34 -4.82
N LEU C 137 4.70 -43.18 -4.18
CA LEU C 137 3.33 -42.86 -3.83
C LEU C 137 3.19 -42.73 -2.32
N ILE C 138 2.56 -41.63 -1.89
CA ILE C 138 2.49 -41.22 -0.49
C ILE C 138 1.02 -41.05 -0.14
N SER C 139 0.56 -41.73 0.91
CA SER C 139 -0.86 -41.76 1.24
C SER C 139 -1.08 -41.79 2.74
N ASP C 140 -2.28 -41.35 3.12
CA ASP C 140 -2.83 -41.53 4.48
C ASP C 140 -2.06 -40.75 5.54
N PHE C 141 -1.55 -39.56 5.21
CA PHE C 141 -0.82 -38.77 6.20
C PHE C 141 -1.63 -37.54 6.60
N TYR C 142 -1.57 -37.22 7.90
CA TYR C 142 -2.13 -36.00 8.45
C TYR C 142 -1.13 -35.45 9.46
N PRO C 143 -0.88 -34.13 9.46
CA PRO C 143 -1.47 -33.15 8.52
C PRO C 143 -0.91 -33.22 7.11
N GLY C 144 -1.49 -32.45 6.20
CA GLY C 144 -1.20 -32.58 4.79
C GLY C 144 0.00 -31.83 4.28
N ALA C 145 1.20 -32.20 4.76
CA ALA C 145 2.43 -31.61 4.27
C ALA C 145 3.54 -32.64 4.40
N VAL C 146 4.30 -32.83 3.33
CA VAL C 146 5.42 -33.76 3.31
C VAL C 146 6.59 -33.13 2.57
N THR C 147 7.76 -33.74 2.75
CA THR C 147 8.97 -33.36 2.05
C THR C 147 9.61 -34.63 1.50
N VAL C 148 9.86 -34.64 0.19
CA VAL C 148 10.36 -35.83 -0.50
C VAL C 148 11.80 -35.58 -0.92
N ALA C 149 12.67 -36.55 -0.63
CA ALA C 149 14.07 -36.53 -1.04
C ALA C 149 14.40 -37.87 -1.67
N TRP C 150 15.00 -37.82 -2.86
CA TRP C 150 15.44 -39.03 -3.55
C TRP C 150 16.95 -39.18 -3.42
N LYS C 151 17.40 -40.43 -3.41
CA LYS C 151 18.81 -40.75 -3.28
C LYS C 151 19.21 -41.80 -4.31
N ALA C 152 20.32 -41.55 -5.01
CA ALA C 152 20.96 -42.55 -5.85
C ALA C 152 22.07 -43.19 -5.03
N ASP C 153 21.91 -44.46 -4.69
CA ASP C 153 22.72 -45.14 -3.68
C ASP C 153 22.58 -44.31 -2.41
N GLY C 154 23.65 -43.80 -1.82
CA GLY C 154 23.56 -42.89 -0.71
C GLY C 154 23.67 -41.43 -1.07
N SER C 155 23.77 -41.11 -2.35
CA SER C 155 24.03 -39.78 -2.90
C SER C 155 22.72 -39.10 -3.31
N PRO C 156 22.60 -37.80 -3.03
CA PRO C 156 21.36 -37.10 -3.35
C PRO C 156 21.21 -36.85 -4.84
N VAL C 157 19.96 -36.91 -5.30
CA VAL C 157 19.58 -36.50 -6.64
C VAL C 157 18.51 -35.41 -6.50
N LYS C 158 18.62 -34.36 -7.31
CA LYS C 158 17.66 -33.27 -7.24
C LYS C 158 17.18 -32.81 -8.61
N ALA C 159 17.81 -33.24 -9.70
CA ALA C 159 17.29 -33.02 -11.03
C ALA C 159 16.36 -34.16 -11.42
N GLY C 160 15.35 -33.84 -12.23
CA GLY C 160 14.42 -34.84 -12.70
C GLY C 160 13.34 -35.24 -11.72
N VAL C 161 13.10 -34.43 -10.69
CA VAL C 161 12.12 -34.73 -9.65
C VAL C 161 10.93 -33.81 -9.80
N GLU C 162 9.72 -34.39 -9.79
CA GLU C 162 8.49 -33.63 -9.76
C GLU C 162 7.59 -34.25 -8.69
N THR C 163 7.17 -33.44 -7.72
CA THR C 163 6.32 -33.87 -6.64
C THR C 163 5.04 -33.05 -6.66
N THR C 164 3.92 -33.71 -6.37
CA THR C 164 2.62 -33.05 -6.39
C THR C 164 2.34 -32.35 -5.06
N LYS C 165 1.49 -31.34 -5.12
CA LYS C 165 0.90 -30.80 -3.92
C LYS C 165 0.04 -31.87 -3.25
N PRO C 166 -0.02 -31.88 -1.92
CA PRO C 166 -0.89 -32.84 -1.24
C PRO C 166 -2.35 -32.55 -1.55
N SER C 167 -3.12 -33.63 -1.69
CA SER C 167 -4.56 -33.56 -1.88
C SER C 167 -5.24 -34.33 -0.76
N LYS C 168 -6.37 -33.84 -0.29
CA LYS C 168 -7.09 -34.56 0.76
C LYS C 168 -7.83 -35.75 0.16
N GLN C 169 -7.69 -36.90 0.79
CA GLN C 169 -8.38 -38.10 0.37
C GLN C 169 -9.81 -38.08 0.90
N SER C 170 -10.56 -39.13 0.58
CA SER C 170 -11.94 -39.20 1.02
C SER C 170 -12.06 -39.52 2.51
N ASN C 171 -10.98 -40.03 3.13
CA ASN C 171 -10.97 -40.28 4.56
C ASN C 171 -10.40 -39.11 5.36
N ASN C 172 -10.35 -37.92 4.76
CA ASN C 172 -9.85 -36.68 5.34
C ASN C 172 -8.34 -36.68 5.55
N LYS C 173 -7.65 -37.75 5.19
CA LYS C 173 -6.20 -37.77 5.20
C LYS C 173 -5.68 -37.32 3.84
N TYR C 174 -4.36 -37.21 3.71
CA TYR C 174 -3.77 -36.61 2.53
C TYR C 174 -2.92 -37.62 1.75
N ALA C 175 -2.72 -37.30 0.47
CA ALA C 175 -1.95 -38.13 -0.43
C ALA C 175 -1.09 -37.23 -1.32
N ALA C 176 0.04 -37.78 -1.75
CA ALA C 176 0.93 -37.07 -2.67
C ALA C 176 1.72 -38.10 -3.45
N SER C 177 2.39 -37.63 -4.50
CA SER C 177 3.19 -38.50 -5.34
C SER C 177 4.38 -37.71 -5.87
N SER C 178 5.51 -38.41 -6.00
CA SER C 178 6.73 -37.81 -6.53
C SER C 178 7.33 -38.72 -7.59
N TYR C 179 7.82 -38.11 -8.67
CA TYR C 179 8.33 -38.83 -9.83
C TYR C 179 9.80 -38.47 -10.04
N LEU C 180 10.66 -39.48 -10.13
CA LEU C 180 12.05 -39.30 -10.50
C LEU C 180 12.21 -39.81 -11.94
N SER C 181 12.51 -38.89 -12.85
CA SER C 181 12.68 -39.22 -14.26
C SER C 181 14.16 -39.44 -14.54
N LEU C 182 14.49 -40.63 -15.04
CA LEU C 182 15.87 -41.03 -15.26
C LEU C 182 16.04 -41.55 -16.67
N THR C 183 17.24 -41.36 -17.21
CA THR C 183 17.62 -42.03 -18.44
C THR C 183 17.97 -43.48 -18.14
N PRO C 184 17.83 -44.37 -19.12
CA PRO C 184 18.17 -45.78 -18.87
C PRO C 184 19.59 -45.98 -18.38
N GLU C 185 20.54 -45.17 -18.85
CA GLU C 185 21.92 -45.37 -18.42
C GLU C 185 22.14 -44.89 -16.99
N GLN C 186 21.41 -43.87 -16.54
CA GLN C 186 21.55 -43.47 -15.15
C GLN C 186 20.64 -44.26 -14.21
N TRP C 187 19.68 -45.03 -14.76
CA TRP C 187 18.94 -45.98 -13.94
C TRP C 187 19.81 -47.20 -13.63
N LYS C 188 20.49 -47.73 -14.64
CA LYS C 188 21.33 -48.90 -14.47
C LYS C 188 22.67 -48.59 -13.82
N SER C 189 23.11 -47.34 -13.83
CA SER C 189 24.45 -47.02 -13.33
C SER C 189 24.54 -47.03 -11.81
N HIS C 190 23.42 -47.16 -11.10
CA HIS C 190 23.43 -47.19 -9.65
C HIS C 190 22.89 -48.52 -9.15
N ARG C 191 23.24 -48.85 -7.91
CA ARG C 191 22.86 -50.10 -7.31
C ARG C 191 21.49 -50.05 -6.63
N SER C 192 21.09 -48.87 -6.15
CA SER C 192 19.81 -48.73 -5.48
C SER C 192 19.35 -47.29 -5.55
N TYR C 193 18.03 -47.09 -5.52
CA TYR C 193 17.40 -45.78 -5.49
C TYR C 193 16.41 -45.73 -4.36
N SER C 194 16.29 -44.58 -3.70
CA SER C 194 15.44 -44.48 -2.54
C SER C 194 14.61 -43.20 -2.58
N CYS C 195 13.35 -43.31 -2.17
CA CYS C 195 12.47 -42.16 -1.96
C CYS C 195 12.23 -42.01 -0.47
N GLN C 196 12.66 -40.88 0.09
CA GLN C 196 12.54 -40.61 1.51
C GLN C 196 11.49 -39.53 1.72
N VAL C 197 10.42 -39.88 2.42
CA VAL C 197 9.31 -38.98 2.72
C VAL C 197 9.42 -38.59 4.18
N THR C 198 9.52 -37.29 4.44
CA THR C 198 9.63 -36.75 5.79
C THR C 198 8.34 -36.04 6.14
N HIS C 199 7.68 -36.50 7.20
CA HIS C 199 6.38 -36.00 7.62
C HIS C 199 6.42 -35.78 9.12
N GLU C 200 6.33 -34.50 9.54
CA GLU C 200 6.31 -34.14 10.96
C GLU C 200 7.55 -34.67 11.69
N GLY C 201 8.72 -34.42 11.10
CA GLY C 201 9.97 -34.79 11.71
C GLY C 201 10.40 -36.23 11.53
N SER C 202 9.49 -37.12 11.17
CA SER C 202 9.81 -38.52 10.95
C SER C 202 9.88 -38.82 9.46
N THR C 203 10.83 -39.67 9.07
CA THR C 203 11.07 -40.01 7.67
C THR C 203 10.75 -41.47 7.43
N VAL C 204 10.00 -41.73 6.36
CA VAL C 204 9.74 -43.09 5.88
C VAL C 204 10.48 -43.27 4.56
N GLU C 205 11.19 -44.39 4.43
CA GLU C 205 12.09 -44.63 3.32
C GLU C 205 11.72 -45.92 2.61
N LYS C 206 11.70 -45.87 1.27
CA LYS C 206 11.50 -47.05 0.44
C LYS C 206 12.59 -47.10 -0.63
N THR C 207 13.04 -48.31 -0.94
CA THR C 207 14.21 -48.52 -1.80
C THR C 207 13.88 -49.51 -2.90
N VAL C 208 14.41 -49.26 -4.10
CA VAL C 208 14.33 -50.21 -5.21
C VAL C 208 15.71 -50.35 -5.84
N ALA C 209 15.96 -51.52 -6.42
CA ALA C 209 17.24 -51.83 -7.02
C ALA C 209 17.08 -52.18 -8.49
N PRO C 210 17.96 -51.67 -9.36
CA PRO C 210 17.86 -52.01 -10.79
C PRO C 210 18.06 -53.49 -11.08
N THR C 211 18.85 -54.19 -10.25
CA THR C 211 19.08 -55.62 -10.43
C THR C 211 17.97 -56.43 -9.74
N GLU C 212 16.75 -56.17 -10.18
CA GLU C 212 15.54 -56.84 -9.69
C GLU C 212 15.52 -57.11 -8.19
#